data_9JN4
#
_entry.id   9JN4
#
_cell.length_a   90.817
_cell.length_b   101.256
_cell.length_c   111.066
_cell.angle_alpha   90.00
_cell.angle_beta   90.00
_cell.angle_gamma   90.00
#
_symmetry.space_group_name_H-M   'P 21 21 21'
#
loop_
_entity.id
_entity.type
_entity.pdbx_description
1 polymer 'FMN-binding protein'
2 non-polymer 'PROTOPORPHYRIN IX CONTAINING FE'
3 water water
#
_entity_poly.entity_id   1
_entity_poly.type   'polypeptide(L)'
_entity_poly.pdbx_seq_one_letter_code
;AGAGAMFVPGPYHAPEDRWLVDLVRGHPLAQLASNGAGGAAPHITHVPIIVDPELDGPVDRLVGITLWGHMNRANPHWAA
LGGAANVVATFAGPNAYVSPAVYRTAPAAPTWNFTSVQVRGELRKVESADDTLATVRATVAALESRFGAGWDMTGSLDYF
RRILPGVGAFRLRVAEADGMFKLSQEQQPAIRRRVRHSFGGAEATRAVAGLMDRLPTE
;
_entity_poly.pdbx_strand_id   B,D,A,C
#
loop_
_chem_comp.id
_chem_comp.type
_chem_comp.name
_chem_comp.formula
HEM non-polymer 'PROTOPORPHYRIN IX CONTAINING FE' 'C34 H32 Fe N4 O4'
#
# COMPACT_ATOMS: atom_id res chain seq x y z
N GLY A 4 26.19 18.72 22.51
CA GLY A 4 25.80 17.74 21.46
C GLY A 4 25.11 18.42 20.29
N ALA A 5 25.50 18.08 19.06
CA ALA A 5 24.99 18.72 17.82
C ALA A 5 23.66 18.11 17.39
N MET A 6 23.36 16.89 17.84
CA MET A 6 22.06 16.21 17.56
C MET A 6 21.44 15.80 18.89
N PHE A 7 20.15 16.05 19.06
CA PHE A 7 19.44 15.72 20.30
C PHE A 7 19.01 14.25 20.25
N VAL A 8 19.48 13.42 21.17
CA VAL A 8 19.11 11.99 21.24
C VAL A 8 18.85 11.66 22.69
N PRO A 9 17.57 11.46 23.08
CA PRO A 9 17.23 11.03 24.43
C PRO A 9 17.99 9.74 24.75
N GLY A 10 18.36 9.58 26.02
CA GLY A 10 19.19 8.45 26.47
C GLY A 10 18.65 7.09 26.03
N PRO A 11 17.32 6.84 26.08
CA PRO A 11 16.81 5.52 25.71
C PRO A 11 17.09 5.15 24.25
N TYR A 12 17.37 6.13 23.40
CA TYR A 12 17.45 5.96 21.94
C TYR A 12 18.89 5.97 21.46
N HIS A 13 19.87 5.93 22.37
CA HIS A 13 21.30 5.73 22.01
C HIS A 13 21.49 4.31 21.43
N ALA A 14 22.34 4.18 20.40
CA ALA A 14 22.73 2.85 19.86
C ALA A 14 23.36 2.03 20.98
N PRO A 15 23.17 0.69 20.97
CA PRO A 15 23.89 -0.20 21.90
C PRO A 15 25.41 -0.16 21.70
N GLU A 16 25.88 -0.04 20.46
CA GLU A 16 27.33 -0.09 20.08
C GLU A 16 27.56 0.96 19.00
N ASP A 17 28.76 1.58 18.99
CA ASP A 17 29.15 2.52 17.91
C ASP A 17 28.97 1.87 16.53
N ARG A 18 29.20 0.56 16.41
CA ARG A 18 29.08 -0.19 15.13
C ARG A 18 27.69 0.02 14.47
N TRP A 19 26.63 0.20 15.26
CA TRP A 19 25.25 0.37 14.71
C TRP A 19 25.20 1.60 13.79
N LEU A 20 25.95 2.68 14.11
CA LEU A 20 25.94 3.91 13.29
C LEU A 20 26.66 3.62 11.96
N VAL A 21 27.77 2.88 11.98
CA VAL A 21 28.52 2.51 10.75
C VAL A 21 27.60 1.63 9.92
N ASP A 22 26.89 0.69 10.54
CA ASP A 22 25.98 -0.23 9.81
C ASP A 22 24.90 0.57 9.07
N LEU A 23 24.34 1.61 9.69
CA LEU A 23 23.24 2.39 9.07
C LEU A 23 23.80 3.18 7.89
N VAL A 24 24.97 3.77 8.06
CA VAL A 24 25.65 4.49 6.94
C VAL A 24 25.86 3.52 5.77
N ARG A 25 26.34 2.30 5.99
CA ARG A 25 26.54 1.31 4.90
C ARG A 25 25.19 0.91 4.28
N GLY A 26 24.14 0.78 5.09
CA GLY A 26 22.83 0.29 4.64
C GLY A 26 22.04 1.35 3.89
N HIS A 27 22.36 2.65 4.07
CA HIS A 27 21.53 3.81 3.63
C HIS A 27 22.41 4.94 3.11
N PRO A 28 23.18 4.64 2.05
CA PRO A 28 24.20 5.56 1.53
C PRO A 28 23.68 6.85 0.90
N LEU A 29 22.40 6.90 0.54
CA LEU A 29 21.81 8.13 -0.05
C LEU A 29 21.47 9.08 1.12
N ALA A 30 22.45 9.88 1.53
CA ALA A 30 22.37 10.82 2.66
C ALA A 30 21.77 12.14 2.23
N GLN A 31 21.29 12.89 3.22
CA GLN A 31 20.89 14.31 2.98
C GLN A 31 22.02 15.19 3.49
N LEU A 32 22.68 15.88 2.57
CA LEU A 32 23.83 16.74 2.90
C LEU A 32 23.28 18.15 3.10
N ALA A 33 23.56 18.77 4.24
CA ALA A 33 23.03 20.10 4.61
C ALA A 33 24.21 21.04 4.91
N SER A 34 24.14 22.25 4.39
CA SER A 34 25.03 23.35 4.80
C SER A 34 24.19 24.63 4.89
N ASN A 35 24.72 25.63 5.59
CA ASN A 35 24.04 26.89 5.89
C ASN A 35 23.70 27.59 4.58
N GLY A 36 22.52 28.20 4.54
CA GLY A 36 22.16 29.18 3.52
C GLY A 36 22.85 30.51 3.79
N ALA A 37 23.14 31.25 2.73
CA ALA A 37 23.77 32.60 2.83
C ALA A 37 22.73 33.58 3.35
N GLY A 38 23.15 34.46 4.27
CA GLY A 38 22.42 35.66 4.71
C GLY A 38 21.06 35.31 5.27
N GLY A 39 21.05 34.34 6.20
CA GLY A 39 19.83 33.93 6.91
C GLY A 39 18.88 33.04 6.10
N ALA A 40 19.21 32.66 4.84
CA ALA A 40 18.36 31.76 4.01
C ALA A 40 18.37 30.39 4.67
N ALA A 41 17.42 29.53 4.33
CA ALA A 41 17.35 28.15 4.87
C ALA A 41 18.55 27.38 4.32
N PRO A 42 19.02 26.34 5.05
CA PRO A 42 20.07 25.45 4.56
C PRO A 42 19.82 24.91 3.14
N HIS A 43 20.90 24.70 2.38
CA HIS A 43 20.93 23.90 1.13
C HIS A 43 20.88 22.43 1.55
N ILE A 44 20.01 21.65 0.91
CA ILE A 44 19.89 20.18 1.18
C ILE A 44 20.01 19.45 -0.15
N THR A 45 20.94 18.51 -0.25
CA THR A 45 21.07 17.68 -1.47
C THR A 45 21.15 16.22 -1.07
N HIS A 46 20.38 15.33 -1.73
CA HIS A 46 20.58 13.85 -1.58
C HIS A 46 21.80 13.39 -2.37
N VAL A 47 22.77 12.83 -1.68
CA VAL A 47 24.10 12.49 -2.26
C VAL A 47 24.48 11.14 -1.74
N PRO A 48 25.10 10.32 -2.63
CA PRO A 48 25.62 9.02 -2.26
C PRO A 48 26.94 9.17 -1.54
N ILE A 49 27.00 8.52 -0.39
CA ILE A 49 28.18 8.66 0.50
C ILE A 49 28.59 7.28 0.99
N ILE A 50 29.91 6.99 0.95
CA ILE A 50 30.43 5.69 1.46
C ILE A 50 31.55 5.91 2.44
N VAL A 51 31.82 4.90 3.24
CA VAL A 51 33.05 4.85 4.06
C VAL A 51 34.28 4.76 3.15
N ASP A 52 35.35 5.45 3.52
CA ASP A 52 36.71 5.33 2.96
C ASP A 52 36.96 3.89 2.58
N PRO A 53 37.05 3.59 1.27
CA PRO A 53 37.26 2.23 0.79
C PRO A 53 38.67 1.67 1.08
N GLU A 54 39.60 2.55 1.42
CA GLU A 54 41.00 2.20 1.79
C GLU A 54 41.08 1.71 3.25
N LEU A 55 39.99 1.76 4.03
CA LEU A 55 40.06 1.33 5.44
C LEU A 55 40.15 -0.20 5.49
N ASP A 56 41.16 -0.70 6.20
CA ASP A 56 41.24 -2.10 6.70
C ASP A 56 40.90 -2.12 8.18
N GLY A 57 40.77 -3.32 8.73
CA GLY A 57 40.32 -3.58 10.10
C GLY A 57 38.80 -3.44 10.17
N PRO A 58 38.17 -3.91 11.28
CA PRO A 58 36.75 -3.69 11.50
C PRO A 58 36.61 -2.17 11.71
N VAL A 59 35.59 -1.57 11.11
CA VAL A 59 35.24 -0.14 11.33
C VAL A 59 34.14 -0.13 12.39
N ASP A 60 34.47 0.29 13.61
CA ASP A 60 33.51 0.26 14.73
C ASP A 60 32.99 1.67 14.99
N ARG A 61 33.74 2.70 14.62
CA ARG A 61 33.44 4.10 14.99
C ARG A 61 33.47 4.95 13.72
N LEU A 62 32.50 5.83 13.55
CA LEU A 62 32.54 6.80 12.42
C LEU A 62 33.52 7.94 12.71
N VAL A 63 33.64 8.37 13.97
CA VAL A 63 34.44 9.60 14.31
C VAL A 63 35.89 9.28 13.92
N GLY A 64 36.51 10.15 13.13
CA GLY A 64 37.91 10.03 12.73
C GLY A 64 38.06 9.38 11.37
N ILE A 65 37.00 8.81 10.79
CA ILE A 65 37.11 8.24 9.43
C ILE A 65 36.67 9.31 8.42
N THR A 66 37.14 9.14 7.19
CA THR A 66 36.79 10.00 6.03
C THR A 66 35.72 9.28 5.21
N LEU A 67 34.63 9.97 4.92
CA LEU A 67 33.56 9.54 3.99
C LEU A 67 33.86 10.14 2.63
N TRP A 68 33.51 9.40 1.59
CA TRP A 68 33.65 9.83 0.18
C TRP A 68 32.25 10.04 -0.37
N GLY A 69 32.08 11.02 -1.23
CA GLY A 69 30.78 11.22 -1.86
C GLY A 69 30.89 12.06 -3.11
N HIS A 70 29.82 12.19 -3.86
CA HIS A 70 29.80 13.11 -5.03
C HIS A 70 28.42 13.74 -5.13
N MET A 71 28.36 14.78 -5.97
CA MET A 71 27.12 15.50 -6.29
C MET A 71 27.32 16.13 -7.66
N ASN A 72 26.30 16.80 -8.15
CA ASN A 72 26.34 17.45 -9.49
C ASN A 72 27.04 18.81 -9.34
N ARG A 73 28.07 19.11 -10.14
CA ARG A 73 28.70 20.46 -10.11
C ARG A 73 27.73 21.56 -10.51
N ALA A 74 26.74 21.24 -11.34
CA ALA A 74 25.71 22.15 -11.87
C ALA A 74 24.75 22.54 -10.75
N ASN A 75 24.73 21.79 -9.65
CA ASN A 75 23.89 22.05 -8.45
C ASN A 75 24.46 23.28 -7.73
N PRO A 76 23.69 24.37 -7.52
CA PRO A 76 24.18 25.56 -6.81
C PRO A 76 24.83 25.24 -5.46
N HIS A 77 24.40 24.12 -4.89
CA HIS A 77 24.90 23.68 -3.59
C HIS A 77 26.42 23.46 -3.70
N TRP A 78 26.88 22.96 -4.84
CA TRP A 78 28.33 22.77 -5.07
C TRP A 78 29.13 24.09 -4.93
N ALA A 79 28.78 25.15 -5.68
CA ALA A 79 29.40 26.49 -5.56
C ALA A 79 29.22 27.05 -4.13
N ALA A 80 28.07 26.78 -3.48
CA ALA A 80 27.68 27.32 -2.14
C ALA A 80 28.64 26.77 -1.08
N LEU A 81 29.20 25.58 -1.30
CA LEU A 81 30.02 24.92 -0.25
C LEU A 81 31.37 25.64 -0.11
N GLY A 82 31.79 26.36 -1.14
CA GLY A 82 33.02 27.16 -1.09
C GLY A 82 34.18 26.30 -0.64
N GLY A 83 34.97 26.78 0.31
CA GLY A 83 36.20 26.13 0.79
C GLY A 83 35.89 25.00 1.74
N ALA A 84 36.14 25.20 3.04
CA ALA A 84 36.07 24.18 4.10
C ALA A 84 34.73 24.30 4.85
N ALA A 85 33.62 24.07 4.15
CA ALA A 85 32.24 24.21 4.70
C ALA A 85 31.98 23.19 5.84
N ASN A 86 31.38 23.65 6.93
CA ASN A 86 30.94 22.76 8.02
C ASN A 86 29.61 22.20 7.56
N VAL A 87 29.51 20.88 7.50
CA VAL A 87 28.30 20.23 6.92
C VAL A 87 27.80 19.19 7.90
N VAL A 88 26.55 18.80 7.70
CA VAL A 88 25.97 17.61 8.35
C VAL A 88 25.50 16.71 7.24
N ALA A 89 25.76 15.41 7.35
CA ALA A 89 25.12 14.47 6.39
C ALA A 89 24.29 13.53 7.23
N THR A 90 23.00 13.40 6.91
CA THR A 90 22.01 12.60 7.69
C THR A 90 21.63 11.38 6.85
N PHE A 91 21.69 10.23 7.49
CA PHE A 91 21.44 8.91 6.90
C PHE A 91 20.21 8.39 7.63
N ALA A 92 19.18 8.01 6.89
CA ALA A 92 17.85 7.66 7.43
C ALA A 92 17.65 6.16 7.18
N GLY A 93 17.53 5.36 8.25
CA GLY A 93 17.38 3.91 8.14
C GLY A 93 15.92 3.46 8.24
N PRO A 94 15.69 2.21 8.68
CA PRO A 94 14.36 1.66 8.85
C PRO A 94 13.51 2.51 9.80
N ASN A 95 12.23 2.60 9.50
CA ASN A 95 11.29 3.43 10.29
C ASN A 95 9.88 2.90 10.09
N ALA A 96 9.00 3.14 11.05
CA ALA A 96 7.58 2.76 10.96
C ALA A 96 6.75 3.50 12.00
N TYR A 97 5.59 4.01 11.59
CA TYR A 97 4.56 4.58 12.51
C TYR A 97 4.12 3.50 13.51
N VAL A 98 3.92 3.93 14.74
CA VAL A 98 3.56 3.03 15.88
C VAL A 98 2.16 3.44 16.36
N SER A 99 1.16 2.62 16.05
CA SER A 99 -0.24 2.82 16.48
C SER A 99 -0.33 2.34 17.92
N PRO A 100 -0.93 3.12 18.85
CA PRO A 100 -1.30 2.61 20.16
C PRO A 100 -2.22 1.38 20.17
N ALA A 101 -2.90 1.09 19.05
CA ALA A 101 -3.62 -0.19 18.85
C ALA A 101 -2.67 -1.36 18.99
N VAL A 102 -1.40 -1.22 18.68
CA VAL A 102 -0.40 -2.32 18.80
C VAL A 102 -0.06 -2.50 20.27
N TYR A 103 0.01 -1.41 21.04
CA TYR A 103 0.38 -1.43 22.48
C TYR A 103 -0.65 -2.23 23.27
N ARG A 104 -1.92 -2.04 22.91
CA ARG A 104 -3.13 -2.64 23.56
C ARG A 104 -3.28 -2.11 24.99
N THR A 105 -2.76 -0.91 25.25
CA THR A 105 -2.65 -0.24 26.59
C THR A 105 -3.35 1.11 26.50
N ALA A 106 -3.73 1.66 27.63
CA ALA A 106 -4.36 3.00 27.72
C ALA A 106 -4.00 3.61 29.07
N PRO A 107 -3.73 4.93 29.16
CA PRO A 107 -3.71 5.79 27.98
C PRO A 107 -2.37 5.67 27.21
N ALA A 108 -2.29 6.29 26.03
CA ALA A 108 -1.07 6.19 25.18
C ALA A 108 -1.05 7.32 24.19
N ALA A 109 0.06 7.45 23.45
CA ALA A 109 0.16 8.37 22.30
C ALA A 109 0.86 7.65 21.17
N PRO A 110 0.57 7.95 19.89
CA PRO A 110 1.26 7.26 18.82
C PRO A 110 2.69 7.78 18.81
N THR A 111 3.57 7.12 18.06
CA THR A 111 4.92 7.64 17.83
C THR A 111 5.37 7.11 16.48
N TRP A 112 6.59 7.46 16.09
CA TRP A 112 7.24 6.96 14.87
C TRP A 112 8.59 6.38 15.28
N ASN A 113 8.77 5.06 15.13
CA ASN A 113 10.09 4.42 15.37
C ASN A 113 10.93 4.72 14.14
N PHE A 114 12.16 5.19 14.32
CA PHE A 114 13.04 5.53 13.20
C PHE A 114 14.49 5.46 13.65
N THR A 115 15.36 5.44 12.66
CA THR A 115 16.81 5.36 12.84
C THR A 115 17.42 6.49 12.02
N SER A 116 18.40 7.15 12.58
CA SER A 116 19.08 8.25 11.86
C SER A 116 20.52 8.30 12.33
N VAL A 117 21.43 8.66 11.43
CA VAL A 117 22.81 8.98 11.85
C VAL A 117 23.10 10.34 11.26
N GLN A 118 23.58 11.25 12.08
CA GLN A 118 24.05 12.59 11.62
C GLN A 118 25.56 12.69 11.80
N VAL A 119 26.32 12.83 10.74
CA VAL A 119 27.78 13.02 10.84
C VAL A 119 28.06 14.49 10.54
N ARG A 120 28.99 15.08 11.25
CA ARG A 120 29.39 16.48 11.05
C ARG A 120 30.90 16.55 10.86
N GLY A 121 31.31 17.44 9.98
CA GLY A 121 32.72 17.77 9.78
C GLY A 121 32.87 18.74 8.63
N GLU A 122 34.10 18.94 8.17
CA GLU A 122 34.42 19.90 7.08
C GLU A 122 34.35 19.16 5.75
N LEU A 123 33.54 19.62 4.80
CA LEU A 123 33.55 19.02 3.46
C LEU A 123 34.75 19.58 2.70
N ARG A 124 35.61 18.71 2.21
CA ARG A 124 36.76 19.08 1.35
C ARG A 124 36.44 18.61 -0.06
N LYS A 125 36.48 19.48 -1.06
CA LYS A 125 36.25 19.08 -2.47
C LYS A 125 37.53 18.42 -2.97
N VAL A 126 37.34 17.42 -3.84
CA VAL A 126 38.35 16.79 -4.70
C VAL A 126 38.26 17.49 -6.06
N GLU A 127 39.33 18.08 -6.59
CA GLU A 127 39.23 18.71 -7.92
C GLU A 127 39.84 17.84 -9.01
N SER A 128 40.85 17.01 -8.71
CA SER A 128 41.55 16.20 -9.74
C SER A 128 40.58 15.18 -10.34
N ALA A 129 40.72 14.98 -11.65
CA ALA A 129 39.97 13.98 -12.42
C ALA A 129 40.28 12.59 -11.85
N ASP A 130 41.50 12.35 -11.35
CA ASP A 130 41.92 10.98 -10.96
C ASP A 130 41.21 10.66 -9.62
N ASP A 131 41.08 11.65 -8.73
CA ASP A 131 40.33 11.48 -7.45
C ASP A 131 38.80 11.49 -7.64
N THR A 132 38.28 12.22 -8.63
CA THR A 132 36.86 12.18 -9.03
C THR A 132 36.55 10.77 -9.53
N LEU A 133 37.39 10.25 -10.43
CA LEU A 133 37.18 8.91 -11.00
C LEU A 133 37.24 7.87 -9.88
N ALA A 134 38.23 7.92 -9.01
CA ALA A 134 38.30 6.99 -7.86
C ALA A 134 36.97 7.03 -7.09
N THR A 135 36.46 8.23 -6.82
CA THR A 135 35.25 8.39 -6.00
C THR A 135 34.12 7.59 -6.65
N VAL A 136 33.83 7.77 -7.94
CA VAL A 136 32.64 7.12 -8.55
C VAL A 136 32.86 5.60 -8.70
N ARG A 137 34.08 5.14 -9.07
CA ARG A 137 34.42 3.69 -9.12
C ARG A 137 34.26 3.04 -7.72
N ALA A 138 34.70 3.67 -6.64
CA ALA A 138 34.61 3.13 -5.28
C ALA A 138 33.15 3.01 -4.93
N THR A 139 32.39 4.00 -5.37
CA THR A 139 30.95 4.05 -5.03
C THR A 139 30.24 2.90 -5.77
N VAL A 140 30.53 2.69 -7.06
CA VAL A 140 29.96 1.51 -7.78
C VAL A 140 30.34 0.25 -6.98
N ALA A 141 31.62 0.07 -6.63
CA ALA A 141 32.05 -1.23 -6.04
C ALA A 141 31.29 -1.48 -4.73
N ALA A 142 31.11 -0.45 -3.90
CA ALA A 142 30.45 -0.55 -2.59
C ALA A 142 28.95 -0.73 -2.81
N LEU A 143 28.32 -0.01 -3.75
CA LEU A 143 26.83 -0.05 -3.82
C LEU A 143 26.38 -1.23 -4.70
N GLU A 144 27.05 -1.51 -5.83
CA GLU A 144 26.58 -2.60 -6.71
C GLU A 144 26.59 -3.90 -5.91
N SER A 145 27.65 -4.15 -5.11
CA SER A 145 27.79 -5.38 -4.28
C SER A 145 26.63 -5.47 -3.27
N ARG A 146 26.26 -4.37 -2.63
CA ARG A 146 25.27 -4.41 -1.52
C ARG A 146 23.83 -4.34 -2.04
N PHE A 147 23.55 -3.57 -3.09
CA PHE A 147 22.17 -3.23 -3.48
C PHE A 147 21.84 -3.68 -4.92
N GLY A 148 22.84 -4.17 -5.66
CA GLY A 148 22.74 -4.30 -7.12
C GLY A 148 22.37 -5.71 -7.52
N ALA A 149 22.69 -6.05 -8.77
CA ALA A 149 22.24 -7.28 -9.45
C ALA A 149 23.38 -7.81 -10.33
N GLY A 150 24.62 -7.75 -9.83
CA GLY A 150 25.82 -8.38 -10.38
C GLY A 150 26.35 -7.64 -11.59
N TRP A 151 26.04 -6.35 -11.74
CA TRP A 151 26.55 -5.56 -12.89
C TRP A 151 28.07 -5.43 -12.78
N ASP A 152 28.75 -5.62 -13.90
CA ASP A 152 30.23 -5.50 -14.01
C ASP A 152 30.52 -4.15 -14.68
N MET A 153 31.19 -3.25 -13.97
CA MET A 153 31.49 -1.89 -14.47
C MET A 153 32.60 -1.92 -15.53
N THR A 154 33.30 -3.05 -15.73
CA THR A 154 34.50 -3.12 -16.61
C THR A 154 34.24 -2.47 -17.97
N GLY A 155 33.16 -2.89 -18.64
CA GLY A 155 32.78 -2.41 -19.99
C GLY A 155 32.45 -0.93 -20.02
N SER A 156 32.30 -0.26 -18.87
CA SER A 156 31.88 1.17 -18.76
C SER A 156 33.00 2.04 -18.16
N LEU A 157 34.18 1.47 -17.90
CA LEU A 157 35.24 2.24 -17.22
C LEU A 157 35.65 3.44 -18.06
N ASP A 158 35.77 3.30 -19.37
CA ASP A 158 36.10 4.47 -20.24
C ASP A 158 34.88 5.39 -20.30
N TYR A 159 33.67 4.83 -20.28
CA TYR A 159 32.42 5.64 -20.28
C TYR A 159 32.39 6.58 -19.08
N PHE A 160 32.74 6.09 -17.88
CA PHE A 160 32.86 6.91 -16.65
C PHE A 160 33.76 8.11 -16.94
N ARG A 161 34.89 7.89 -17.60
CA ARG A 161 35.86 8.97 -17.86
C ARG A 161 35.20 9.91 -18.88
N ARG A 162 34.40 9.38 -19.82
CA ARG A 162 33.79 10.16 -20.94
C ARG A 162 32.59 11.00 -20.44
N ILE A 163 32.08 10.77 -19.23
CA ILE A 163 30.94 11.54 -18.63
C ILE A 163 31.35 12.20 -17.31
N LEU A 164 32.63 12.35 -17.02
CA LEU A 164 33.17 12.73 -15.68
C LEU A 164 33.05 14.19 -15.29
N PRO A 165 33.19 15.20 -16.18
CA PRO A 165 33.32 16.59 -15.71
C PRO A 165 32.19 17.12 -14.78
N GLY A 166 30.99 16.55 -14.86
CA GLY A 166 29.78 16.94 -14.12
C GLY A 166 29.87 16.50 -12.66
N VAL A 167 30.73 15.52 -12.35
CA VAL A 167 30.90 15.02 -10.94
C VAL A 167 31.62 16.04 -10.06
N GLY A 168 31.03 16.37 -8.90
CA GLY A 168 31.64 17.12 -7.81
C GLY A 168 31.97 16.18 -6.68
N ALA A 169 33.19 15.63 -6.65
CA ALA A 169 33.56 14.65 -5.61
C ALA A 169 34.04 15.38 -4.35
N PHE A 170 33.85 14.77 -3.17
CA PHE A 170 34.20 15.39 -1.88
C PHE A 170 34.62 14.33 -0.87
N ARG A 171 35.22 14.81 0.19
CA ARG A 171 35.70 14.00 1.32
C ARG A 171 35.10 14.65 2.55
N LEU A 172 34.67 13.83 3.51
CA LEU A 172 34.11 14.39 4.75
C LEU A 172 34.76 13.65 5.91
N ARG A 173 35.66 14.34 6.62
CA ARG A 173 36.30 13.78 7.83
C ARG A 173 35.31 13.95 8.97
N VAL A 174 34.86 12.85 9.54
CA VAL A 174 33.81 12.88 10.58
C VAL A 174 34.42 13.41 11.90
N ALA A 175 33.98 14.59 12.34
CA ALA A 175 34.38 15.24 13.63
C ALA A 175 33.45 14.77 14.75
N GLU A 176 32.15 14.65 14.44
CA GLU A 176 31.07 14.27 15.37
C GLU A 176 30.13 13.31 14.66
N ALA A 177 29.67 12.29 15.37
CA ALA A 177 28.70 11.32 14.84
C ALA A 177 27.65 11.09 15.93
N ASP A 178 26.36 11.21 15.58
CA ASP A 178 25.27 10.99 16.56
C ASP A 178 24.27 10.07 15.89
N GLY A 179 23.62 9.24 16.67
CA GLY A 179 22.71 8.22 16.12
C GLY A 179 21.45 8.18 16.94
N MET A 180 20.30 8.37 16.26
CA MET A 180 18.97 8.15 16.89
C MET A 180 18.48 6.73 16.57
N PHE A 181 18.34 5.87 17.59
CA PHE A 181 17.71 4.55 17.40
C PHE A 181 16.41 4.50 18.21
N LYS A 182 15.36 5.08 17.62
CA LYS A 182 14.06 5.21 18.31
C LYS A 182 13.22 3.96 18.00
N LEU A 183 13.20 3.02 18.94
CA LEU A 183 12.79 1.61 18.70
C LEU A 183 11.99 1.11 19.91
N SER A 184 11.16 1.98 20.49
CA SER A 184 10.23 1.68 21.60
C SER A 184 10.98 1.36 22.91
N GLN A 185 12.23 1.76 23.09
CA GLN A 185 12.98 1.54 24.36
C GLN A 185 12.27 2.23 25.54
N GLU A 186 11.47 3.26 25.31
CA GLU A 186 10.76 4.02 26.38
C GLU A 186 9.58 3.18 26.90
N GLN A 187 9.08 2.18 26.15
CA GLN A 187 7.92 1.34 26.57
C GLN A 187 8.34 0.24 27.53
N GLN A 188 7.39 -0.26 28.33
CA GLN A 188 7.58 -1.45 29.21
C GLN A 188 7.93 -2.65 28.33
N PRO A 189 8.73 -3.62 28.84
CA PRO A 189 9.20 -4.73 28.02
C PRO A 189 8.12 -5.54 27.30
N ALA A 190 6.99 -5.79 27.96
CA ALA A 190 5.88 -6.57 27.37
C ALA A 190 5.32 -5.80 26.14
N ILE A 191 5.33 -4.48 26.20
CA ILE A 191 4.81 -3.59 25.12
C ILE A 191 5.83 -3.55 23.97
N ARG A 192 7.12 -3.49 24.27
CA ARG A 192 8.20 -3.51 23.22
C ARG A 192 8.06 -4.81 22.42
N ARG A 193 7.83 -5.92 23.12
CA ARG A 193 7.61 -7.24 22.49
C ARG A 193 6.38 -7.20 21.57
N ARG A 194 5.28 -6.58 21.99
CA ARG A 194 4.06 -6.46 21.17
C ARG A 194 4.40 -5.69 19.88
N VAL A 195 5.16 -4.61 19.99
CA VAL A 195 5.52 -3.78 18.79
C VAL A 195 6.41 -4.64 17.87
N ARG A 196 7.40 -5.33 18.45
CA ARG A 196 8.37 -6.15 17.67
C ARG A 196 7.62 -7.25 16.91
N HIS A 197 6.72 -7.98 17.60
CA HIS A 197 5.91 -9.06 16.95
C HIS A 197 5.00 -8.45 15.88
N SER A 198 4.35 -7.31 16.16
CA SER A 198 3.48 -6.65 15.14
C SER A 198 4.33 -6.35 13.91
N PHE A 199 5.48 -5.70 14.09
CA PHE A 199 6.33 -5.23 12.95
C PHE A 199 6.93 -6.43 12.21
N GLY A 200 7.09 -7.59 12.85
CA GLY A 200 7.56 -8.81 12.18
C GLY A 200 6.58 -9.44 11.21
N GLY A 201 5.33 -8.98 11.17
CA GLY A 201 4.24 -9.60 10.38
C GLY A 201 3.97 -8.90 9.09
N ALA A 202 4.80 -7.93 8.69
CA ALA A 202 4.71 -7.30 7.36
C ALA A 202 6.11 -6.95 6.88
N GLU A 203 6.36 -7.14 5.59
CA GLU A 203 7.68 -6.86 5.02
C GLU A 203 8.03 -5.38 5.28
N ALA A 204 7.08 -4.47 5.16
CA ALA A 204 7.31 -3.01 5.27
C ALA A 204 7.96 -2.64 6.60
N THR A 205 7.68 -3.42 7.64
CA THR A 205 8.10 -3.11 9.03
C THR A 205 9.14 -4.11 9.55
N ARG A 206 9.49 -5.12 8.76
CA ARG A 206 10.38 -6.22 9.21
C ARG A 206 11.76 -5.70 9.60
N ALA A 207 12.32 -4.75 8.86
CA ALA A 207 13.66 -4.22 9.17
C ALA A 207 13.64 -3.55 10.54
N VAL A 208 12.53 -2.88 10.91
CA VAL A 208 12.42 -2.22 12.23
C VAL A 208 12.40 -3.31 13.31
N ALA A 209 11.63 -4.37 13.09
CA ALA A 209 11.53 -5.54 14.02
C ALA A 209 12.93 -6.14 14.22
N GLY A 210 13.71 -6.26 13.15
CA GLY A 210 15.06 -6.83 13.16
C GLY A 210 16.01 -6.06 14.09
N LEU A 211 15.98 -4.72 13.99
CA LEU A 211 16.77 -3.85 14.90
C LEU A 211 16.25 -4.03 16.33
N MET A 212 14.92 -4.05 16.54
CA MET A 212 14.35 -4.21 17.89
C MET A 212 14.79 -5.57 18.46
N ASP A 213 14.89 -6.59 17.63
CA ASP A 213 15.28 -7.96 18.05
C ASP A 213 16.76 -8.01 18.47
N ARG A 214 17.60 -7.12 17.92
CA ARG A 214 19.06 -7.03 18.20
C ARG A 214 19.37 -6.13 19.40
N LEU A 215 18.37 -5.47 20.00
CA LEU A 215 18.59 -4.64 21.22
C LEU A 215 18.84 -5.57 22.40
N PRO A 216 19.77 -5.21 23.32
CA PRO A 216 20.12 -6.09 24.44
C PRO A 216 18.91 -6.55 25.27
N ALA B 5 16.08 27.58 -2.27
CA ALA B 5 15.65 26.76 -3.44
C ALA B 5 16.40 25.42 -3.49
N MET B 6 15.81 24.51 -4.24
CA MET B 6 16.28 23.11 -4.34
C MET B 6 16.63 22.92 -5.81
N PHE B 7 17.73 22.23 -6.08
CA PHE B 7 18.15 21.96 -7.47
C PHE B 7 17.41 20.71 -7.96
N VAL B 8 16.59 20.85 -8.98
CA VAL B 8 15.88 19.68 -9.57
C VAL B 8 16.07 19.75 -11.06
N PRO B 9 16.82 18.80 -11.65
CA PRO B 9 16.93 18.72 -13.11
C PRO B 9 15.57 18.60 -13.77
N GLY B 10 15.42 19.25 -14.94
CA GLY B 10 14.14 19.32 -15.69
C GLY B 10 13.38 18.01 -15.72
N PRO B 11 14.03 16.88 -16.11
CA PRO B 11 13.35 15.60 -16.27
C PRO B 11 12.77 15.03 -14.96
N TYR B 12 13.19 15.53 -13.80
CA TYR B 12 12.82 14.96 -12.47
C TYR B 12 11.70 15.81 -11.83
N HIS B 13 11.14 16.79 -12.54
CA HIS B 13 9.99 17.60 -12.03
C HIS B 13 8.76 16.71 -11.94
N ALA B 14 7.96 16.89 -10.90
CA ALA B 14 6.67 16.18 -10.84
C ALA B 14 5.83 16.61 -12.05
N PRO B 15 5.03 15.70 -12.61
CA PRO B 15 4.07 16.08 -13.65
C PRO B 15 3.03 17.11 -13.21
N GLU B 16 2.68 17.13 -11.92
CA GLU B 16 1.63 18.02 -11.34
C GLU B 16 2.02 18.42 -9.92
N ASP B 17 1.57 19.60 -9.48
CA ASP B 17 1.84 20.15 -8.14
C ASP B 17 1.33 19.17 -7.06
N ARG B 18 0.26 18.45 -7.36
CA ARG B 18 -0.40 17.56 -6.38
C ARG B 18 0.55 16.44 -5.93
N TRP B 19 1.54 16.09 -6.75
CA TRP B 19 2.47 15.00 -6.38
C TRP B 19 3.27 15.41 -5.15
N LEU B 20 3.59 16.70 -5.00
CA LEU B 20 4.42 17.19 -3.87
C LEU B 20 3.58 17.06 -2.58
N VAL B 21 2.29 17.41 -2.66
CA VAL B 21 1.33 17.31 -1.52
C VAL B 21 1.18 15.83 -1.15
N ASP B 22 1.01 14.94 -2.13
CA ASP B 22 0.89 13.47 -1.88
C ASP B 22 2.13 12.90 -1.15
N LEU B 23 3.33 13.33 -1.53
CA LEU B 23 4.56 12.82 -0.86
C LEU B 23 4.58 13.36 0.57
N VAL B 24 4.22 14.62 0.80
CA VAL B 24 4.20 15.19 2.19
C VAL B 24 3.23 14.36 3.02
N ARG B 25 2.03 14.15 2.52
CA ARG B 25 1.00 13.34 3.25
C ARG B 25 1.48 11.90 3.50
N GLY B 26 2.21 11.32 2.55
CA GLY B 26 2.64 9.91 2.62
C GLY B 26 3.88 9.70 3.47
N HIS B 27 4.62 10.77 3.81
CA HIS B 27 5.96 10.69 4.45
C HIS B 27 6.14 11.81 5.45
N PRO B 28 5.29 11.83 6.50
CA PRO B 28 5.21 13.01 7.37
C PRO B 28 6.42 13.24 8.27
N LEU B 29 7.25 12.21 8.47
CA LEU B 29 8.41 12.38 9.36
C LEU B 29 9.52 13.05 8.55
N ALA B 30 9.54 14.38 8.63
CA ALA B 30 10.42 15.26 7.85
C ALA B 30 11.74 15.48 8.60
N GLN B 31 12.77 15.88 7.88
CA GLN B 31 14.02 16.39 8.50
C GLN B 31 13.88 17.90 8.44
N LEU B 32 13.72 18.53 9.59
CA LEU B 32 13.64 20.00 9.73
C LEU B 32 15.05 20.54 9.84
N ALA B 33 15.48 21.45 8.92
CA ALA B 33 16.84 21.99 8.94
C ALA B 33 16.78 23.50 9.21
N SER B 34 17.67 23.99 10.07
CA SER B 34 17.94 25.44 10.14
C SER B 34 19.45 25.73 10.31
N ASN B 35 19.85 26.96 9.99
CA ASN B 35 21.28 27.32 9.98
C ASN B 35 21.90 27.18 11.37
N GLY B 36 23.16 26.74 11.35
CA GLY B 36 24.01 26.63 12.55
C GLY B 36 24.69 27.96 12.79
N ALA B 37 24.70 28.42 14.03
CA ALA B 37 25.27 29.74 14.40
C ALA B 37 26.77 29.67 14.14
N GLY B 38 27.34 30.79 13.70
CA GLY B 38 28.80 31.01 13.66
C GLY B 38 29.46 30.05 12.70
N GLY B 39 28.80 29.78 11.59
CA GLY B 39 29.31 28.93 10.50
C GLY B 39 29.29 27.45 10.85
N ALA B 40 28.61 27.05 11.91
CA ALA B 40 28.46 25.63 12.28
C ALA B 40 27.54 24.94 11.26
N ALA B 41 27.65 23.61 11.11
CA ALA B 41 26.68 22.79 10.38
C ALA B 41 25.25 23.14 10.83
N PRO B 42 24.27 23.01 9.93
CA PRO B 42 22.85 23.10 10.28
C PRO B 42 22.44 22.14 11.39
N HIS B 43 21.42 22.54 12.17
CA HIS B 43 20.64 21.67 13.08
C HIS B 43 19.67 20.85 12.23
N ILE B 44 19.49 19.58 12.57
CA ILE B 44 18.63 18.60 11.86
C ILE B 44 17.80 17.86 12.88
N THR B 45 16.46 17.96 12.80
CA THR B 45 15.54 17.20 13.69
C THR B 45 14.50 16.47 12.84
N HIS B 46 14.33 15.16 13.07
CA HIS B 46 13.22 14.40 12.46
C HIS B 46 11.94 14.80 13.20
N VAL B 47 11.01 15.41 12.49
CA VAL B 47 9.75 15.89 13.11
C VAL B 47 8.52 15.51 12.27
N PRO B 48 7.38 15.19 12.93
CA PRO B 48 6.11 14.92 12.26
C PRO B 48 5.42 16.22 11.80
N ILE B 49 5.25 16.36 10.49
CA ILE B 49 4.66 17.57 9.91
C ILE B 49 3.46 17.15 9.06
N ILE B 50 2.36 17.90 9.20
CA ILE B 50 1.13 17.65 8.40
C ILE B 50 0.69 18.94 7.75
N VAL B 51 -0.13 18.78 6.73
CA VAL B 51 -0.87 19.91 6.09
C VAL B 51 -1.97 20.43 7.04
N ASP B 52 -2.11 21.75 7.10
CA ASP B 52 -3.15 22.47 7.88
C ASP B 52 -4.45 21.66 7.87
N PRO B 53 -4.87 21.03 8.99
CA PRO B 53 -6.07 20.20 8.99
C PRO B 53 -7.39 20.95 8.69
N GLU B 54 -7.37 22.29 8.74
CA GLU B 54 -8.57 23.16 8.57
C GLU B 54 -8.78 23.40 7.08
N LEU B 55 -7.83 22.97 6.24
CA LEU B 55 -7.95 23.06 4.77
C LEU B 55 -8.96 21.99 4.35
N ASP B 56 -10.17 22.42 4.04
CA ASP B 56 -11.24 21.62 3.39
C ASP B 56 -11.05 21.80 1.89
N GLY B 57 -11.36 20.74 1.14
CA GLY B 57 -11.28 20.72 -0.33
C GLY B 57 -9.92 20.20 -0.79
N PRO B 58 -9.78 19.86 -2.09
CA PRO B 58 -8.53 19.36 -2.61
C PRO B 58 -7.38 20.36 -2.37
N VAL B 59 -6.27 19.86 -1.84
CA VAL B 59 -5.03 20.64 -1.67
C VAL B 59 -4.10 20.20 -2.80
N ASP B 60 -3.98 21.04 -3.81
CA ASP B 60 -3.23 20.72 -5.05
C ASP B 60 -1.80 21.27 -5.01
N ARG B 61 -1.56 22.31 -4.21
CA ARG B 61 -0.28 23.09 -4.20
C ARG B 61 0.15 23.28 -2.75
N LEU B 62 1.46 23.20 -2.46
CA LEU B 62 2.03 23.45 -1.13
C LEU B 62 2.28 24.94 -0.91
N VAL B 63 2.68 25.69 -1.94
CA VAL B 63 2.98 27.14 -1.77
C VAL B 63 1.71 27.89 -1.37
N GLY B 64 1.78 28.62 -0.26
CA GLY B 64 0.70 29.45 0.29
C GLY B 64 -0.05 28.78 1.43
N ILE B 65 0.14 27.48 1.65
CA ILE B 65 -0.52 26.77 2.78
C ILE B 65 0.42 26.72 3.99
N THR B 66 -0.12 26.41 5.16
CA THR B 66 0.64 26.35 6.42
C THR B 66 0.77 24.87 6.79
N LEU B 67 1.99 24.44 7.10
CA LEU B 67 2.23 23.10 7.67
C LEU B 67 2.26 23.25 9.19
N TRP B 68 1.79 22.22 9.88
CA TRP B 68 1.78 22.09 11.35
C TRP B 68 2.78 21.02 11.77
N GLY B 69 3.63 21.30 12.78
CA GLY B 69 4.63 20.35 13.24
C GLY B 69 4.80 20.42 14.74
N HIS B 70 5.53 19.48 15.31
CA HIS B 70 6.03 19.66 16.69
C HIS B 70 7.36 18.97 16.87
N MET B 71 8.08 19.39 17.88
CA MET B 71 9.31 18.76 18.29
C MET B 71 9.34 18.81 19.80
N ASN B 72 10.42 18.30 20.38
CA ASN B 72 10.68 18.36 21.83
C ASN B 72 11.19 19.78 22.19
N ARG B 73 10.48 20.49 23.07
CA ARG B 73 10.92 21.82 23.55
C ARG B 73 12.29 21.80 24.18
N ALA B 74 12.76 20.63 24.66
CA ALA B 74 14.05 20.44 25.36
C ALA B 74 15.16 20.15 24.34
N ASN B 75 14.80 19.82 23.11
CA ASN B 75 15.74 19.71 21.98
C ASN B 75 16.38 21.08 21.74
N PRO B 76 17.74 21.20 21.82
CA PRO B 76 18.39 22.51 21.63
C PRO B 76 18.05 23.20 20.31
N HIS B 77 17.55 22.45 19.32
CA HIS B 77 17.13 22.97 17.99
C HIS B 77 15.99 23.98 18.23
N TRP B 78 15.15 23.71 19.18
CA TRP B 78 14.03 24.63 19.50
C TRP B 78 14.59 26.00 19.91
N ALA B 79 15.55 26.07 20.84
CA ALA B 79 16.13 27.37 21.28
C ALA B 79 16.87 28.05 20.11
N ALA B 80 17.47 27.28 19.21
CA ALA B 80 18.37 27.79 18.18
C ALA B 80 17.47 28.37 17.09
N LEU B 81 16.23 27.94 16.98
CA LEU B 81 15.35 28.52 15.94
C LEU B 81 15.16 30.02 16.21
N GLY B 82 15.09 30.42 17.48
CA GLY B 82 14.66 31.79 17.81
C GLY B 82 13.33 32.02 17.13
N GLY B 83 13.11 33.26 16.66
CA GLY B 83 11.78 33.83 16.36
C GLY B 83 11.34 33.65 14.92
N ALA B 84 12.13 34.12 13.96
CA ALA B 84 11.72 34.14 12.54
C ALA B 84 12.75 33.37 11.71
N ALA B 85 13.00 32.11 12.08
CA ALA B 85 14.02 31.26 11.42
C ALA B 85 13.50 30.89 10.04
N ASN B 86 14.35 31.08 9.03
CA ASN B 86 14.13 30.54 7.67
C ASN B 86 14.55 29.08 7.68
N VAL B 87 13.59 28.20 7.42
CA VAL B 87 13.84 26.75 7.57
C VAL B 87 13.53 26.02 6.27
N VAL B 88 14.08 24.81 6.14
CA VAL B 88 13.67 23.83 5.11
C VAL B 88 13.19 22.58 5.83
N ALA B 89 12.08 22.02 5.35
CA ALA B 89 11.57 20.72 5.83
C ALA B 89 11.63 19.79 4.62
N THR B 90 12.39 18.69 4.74
CA THR B 90 12.59 17.72 3.63
C THR B 90 11.79 16.44 3.91
N PHE B 91 10.92 16.09 2.98
CA PHE B 91 10.14 14.84 3.02
C PHE B 91 10.75 13.89 1.99
N ALA B 92 10.97 12.66 2.41
CA ALA B 92 11.65 11.66 1.59
C ALA B 92 10.68 10.49 1.37
N GLY B 93 10.38 10.21 0.10
CA GLY B 93 9.51 9.08 -0.26
C GLY B 93 10.21 7.84 -0.78
N PRO B 94 9.48 7.04 -1.59
CA PRO B 94 10.02 5.77 -2.14
C PRO B 94 11.37 6.01 -2.84
N ASN B 95 12.25 5.01 -2.76
CA ASN B 95 13.60 5.13 -3.34
C ASN B 95 14.18 3.75 -3.55
N ALA B 96 15.07 3.61 -4.54
CA ALA B 96 15.74 2.31 -4.79
C ALA B 96 17.01 2.48 -5.59
N TYR B 97 18.00 1.68 -5.28
CA TYR B 97 19.21 1.62 -6.13
C TYR B 97 18.87 1.07 -7.51
N VAL B 98 19.43 1.68 -8.55
CA VAL B 98 19.30 1.23 -9.98
C VAL B 98 20.62 0.60 -10.43
N SER B 99 20.63 -0.73 -10.56
CA SER B 99 21.72 -1.51 -11.16
C SER B 99 21.61 -1.42 -12.67
N PRO B 100 22.69 -1.05 -13.40
CA PRO B 100 22.63 -1.07 -14.87
C PRO B 100 22.42 -2.48 -15.43
N ALA B 101 22.51 -3.53 -14.61
CA ALA B 101 22.18 -4.90 -15.06
C ALA B 101 20.75 -4.88 -15.61
N VAL B 102 19.88 -4.10 -14.98
CA VAL B 102 18.44 -3.99 -15.33
C VAL B 102 18.29 -3.38 -16.72
N TYR B 103 19.17 -2.45 -17.09
CA TYR B 103 19.10 -1.72 -18.38
C TYR B 103 19.31 -2.69 -19.54
N ARG B 104 20.19 -3.70 -19.36
CA ARG B 104 20.68 -4.65 -20.39
C ARG B 104 21.29 -3.85 -21.55
N THR B 105 21.87 -2.69 -21.26
CA THR B 105 22.56 -1.86 -22.28
C THR B 105 23.98 -1.62 -21.79
N ALA B 106 24.82 -1.13 -22.68
CA ALA B 106 26.22 -0.81 -22.35
C ALA B 106 26.73 0.27 -23.30
N PRO B 107 27.66 1.14 -22.85
CA PRO B 107 28.03 1.28 -21.43
C PRO B 107 26.95 2.01 -20.61
N ALA B 108 27.14 2.09 -19.29
CA ALA B 108 26.14 2.66 -18.37
C ALA B 108 26.82 3.02 -17.06
N ALA B 109 26.09 3.69 -16.17
CA ALA B 109 26.53 3.92 -14.78
C ALA B 109 25.32 3.68 -13.88
N PRO B 110 25.51 3.19 -12.64
CA PRO B 110 24.38 3.04 -11.73
C PRO B 110 23.84 4.40 -11.25
N THR B 111 22.66 4.40 -10.66
CA THR B 111 22.16 5.60 -9.95
C THR B 111 21.21 5.16 -8.82
N TRP B 112 20.62 6.15 -8.19
CA TRP B 112 19.61 5.92 -7.15
C TRP B 112 18.35 6.69 -7.53
N ASN B 113 17.24 5.97 -7.73
CA ASN B 113 15.93 6.63 -7.94
C ASN B 113 15.41 7.00 -6.58
N PHE B 114 14.90 8.19 -6.44
CA PHE B 114 14.41 8.69 -5.16
C PHE B 114 13.42 9.82 -5.39
N THR B 115 12.70 10.08 -4.32
CA THR B 115 11.63 11.11 -4.27
C THR B 115 11.85 12.00 -3.06
N SER B 116 11.85 13.32 -3.26
CA SER B 116 11.93 14.26 -2.12
C SER B 116 11.07 15.47 -2.35
N VAL B 117 10.54 16.00 -1.26
CA VAL B 117 9.97 17.36 -1.24
C VAL B 117 10.76 18.20 -0.23
N GLN B 118 11.18 19.37 -0.67
CA GLN B 118 11.76 20.45 0.15
C GLN B 118 10.84 21.64 0.19
N VAL B 119 10.34 21.93 1.38
CA VAL B 119 9.50 23.15 1.64
C VAL B 119 10.34 24.12 2.44
N ARG B 120 10.26 25.40 2.08
CA ARG B 120 11.00 26.46 2.78
C ARG B 120 10.00 27.58 3.14
N GLY B 121 10.27 28.15 4.32
CA GLY B 121 9.65 29.41 4.76
C GLY B 121 9.96 29.69 6.21
N GLU B 122 9.17 30.57 6.81
CA GLU B 122 9.42 31.06 8.19
C GLU B 122 8.76 30.14 9.18
N LEU B 123 9.52 29.67 10.14
CA LEU B 123 8.97 28.85 11.21
C LEU B 123 8.52 29.78 12.34
N ARG B 124 7.25 29.66 12.72
CA ARG B 124 6.73 30.39 13.91
C ARG B 124 6.44 29.37 15.01
N LYS B 125 6.97 29.65 16.18
CA LYS B 125 6.70 28.82 17.37
C LYS B 125 5.29 29.15 17.84
N VAL B 126 4.55 28.10 18.13
CA VAL B 126 3.26 28.10 18.87
C VAL B 126 3.59 28.18 20.36
N GLU B 127 2.96 29.11 21.06
CA GLU B 127 3.11 29.16 22.54
C GLU B 127 1.78 28.73 23.20
N SER B 128 0.64 28.99 22.57
CA SER B 128 -0.70 28.75 23.15
C SER B 128 -0.91 27.27 23.43
N ALA B 129 -1.35 26.96 24.66
CA ALA B 129 -1.65 25.56 25.05
C ALA B 129 -2.76 25.00 24.15
N ASP B 130 -3.78 25.80 23.82
CA ASP B 130 -4.90 25.33 22.96
C ASP B 130 -4.33 24.97 21.58
N ASP B 131 -3.51 25.83 21.00
CA ASP B 131 -2.95 25.61 19.64
C ASP B 131 -1.98 24.40 19.67
N THR B 132 -1.25 24.21 20.77
CA THR B 132 -0.31 23.09 20.94
C THR B 132 -1.10 21.77 20.97
N LEU B 133 -2.12 21.67 21.82
CA LEU B 133 -2.98 20.47 21.91
C LEU B 133 -3.70 20.21 20.58
N ALA B 134 -4.19 21.23 19.87
CA ALA B 134 -4.73 21.09 18.50
C ALA B 134 -3.70 20.47 17.54
N THR B 135 -2.45 20.90 17.63
CA THR B 135 -1.34 20.38 16.77
C THR B 135 -1.22 18.86 16.94
N VAL B 136 -1.04 18.40 18.17
CA VAL B 136 -0.78 16.95 18.38
C VAL B 136 -2.04 16.13 18.07
N ARG B 137 -3.25 16.62 18.36
CA ARG B 137 -4.48 15.89 18.04
C ARG B 137 -4.69 15.83 16.52
N ALA B 138 -4.41 16.90 15.77
CA ALA B 138 -4.52 16.85 14.29
C ALA B 138 -3.50 15.83 13.73
N THR B 139 -2.28 15.81 14.29
CA THR B 139 -1.20 14.83 13.95
C THR B 139 -1.67 13.39 14.25
N VAL B 140 -2.27 13.12 15.41
CA VAL B 140 -2.86 11.78 15.63
C VAL B 140 -3.88 11.51 14.52
N ALA B 141 -4.77 12.45 14.24
CA ALA B 141 -5.95 12.24 13.37
C ALA B 141 -5.43 11.88 11.95
N ALA B 142 -4.43 12.62 11.48
CA ALA B 142 -3.86 12.49 10.12
C ALA B 142 -3.03 11.20 10.03
N LEU B 143 -2.12 10.95 10.96
CA LEU B 143 -1.21 9.77 10.85
C LEU B 143 -1.93 8.46 11.23
N GLU B 144 -2.81 8.45 12.20
CA GLU B 144 -3.50 7.17 12.59
C GLU B 144 -4.40 6.76 11.41
N SER B 145 -5.01 7.75 10.74
CA SER B 145 -5.85 7.49 9.55
C SER B 145 -5.05 6.84 8.43
N ARG B 146 -3.85 7.32 8.15
CA ARG B 146 -3.05 6.88 6.99
C ARG B 146 -2.16 5.68 7.32
N PHE B 147 -1.68 5.52 8.55
CA PHE B 147 -0.62 4.55 8.91
C PHE B 147 -1.06 3.60 10.03
N GLY B 148 -2.20 3.87 10.64
CA GLY B 148 -2.52 3.20 11.93
C GLY B 148 -3.56 2.09 11.76
N ALA B 149 -4.35 1.91 12.81
CA ALA B 149 -5.25 0.76 13.00
C ALA B 149 -6.51 1.20 13.75
N GLY B 150 -7.02 2.38 13.44
CA GLY B 150 -8.31 2.84 13.95
C GLY B 150 -8.27 3.16 15.42
N TRP B 151 -7.11 3.51 15.98
CA TRP B 151 -7.01 3.85 17.43
C TRP B 151 -7.76 5.15 17.74
N ASP B 152 -8.51 5.15 18.83
CA ASP B 152 -9.36 6.28 19.25
C ASP B 152 -8.58 7.04 20.32
N MET B 153 -8.18 8.31 20.07
CA MET B 153 -7.40 9.08 21.07
C MET B 153 -8.27 9.55 22.26
N THR B 154 -9.59 9.37 22.21
CA THR B 154 -10.55 10.07 23.11
C THR B 154 -10.12 9.82 24.55
N GLY B 155 -9.92 8.56 24.88
CA GLY B 155 -9.54 8.10 26.25
C GLY B 155 -8.13 8.51 26.69
N SER B 156 -7.34 9.13 25.81
CA SER B 156 -5.95 9.55 26.12
C SER B 156 -5.82 11.08 26.12
N LEU B 157 -6.91 11.83 25.96
CA LEU B 157 -6.79 13.31 25.91
C LEU B 157 -6.27 13.88 27.25
N ASP B 158 -6.75 13.40 28.41
CA ASP B 158 -6.21 13.86 29.72
C ASP B 158 -4.68 13.65 29.72
N TYR B 159 -4.21 12.49 29.23
CA TYR B 159 -2.78 12.12 29.14
C TYR B 159 -2.07 13.11 28.22
N PHE B 160 -2.64 13.41 27.07
CA PHE B 160 -2.02 14.41 26.14
C PHE B 160 -1.78 15.70 26.95
N ARG B 161 -2.79 16.12 27.69
CA ARG B 161 -2.75 17.41 28.42
C ARG B 161 -1.66 17.33 29.47
N ARG B 162 -1.50 16.19 30.16
CA ARG B 162 -0.47 16.02 31.21
C ARG B 162 0.94 16.17 30.60
N ILE B 163 1.19 15.73 29.38
CA ILE B 163 2.58 15.73 28.83
C ILE B 163 2.80 16.95 27.89
N LEU B 164 1.76 17.71 27.61
CA LEU B 164 1.76 18.84 26.66
C LEU B 164 2.85 19.88 26.94
N PRO B 165 3.21 20.21 28.20
CA PRO B 165 4.25 21.21 28.42
C PRO B 165 5.55 20.97 27.63
N GLY B 166 5.86 19.72 27.30
CA GLY B 166 7.14 19.32 26.66
C GLY B 166 7.12 19.56 25.16
N VAL B 167 5.96 19.79 24.60
CA VAL B 167 5.76 19.94 23.14
C VAL B 167 6.14 21.36 22.68
N GLY B 168 7.03 21.44 21.69
CA GLY B 168 7.29 22.65 20.92
C GLY B 168 6.61 22.56 19.56
N ALA B 169 5.40 23.09 19.48
CA ALA B 169 4.55 22.99 18.29
C ALA B 169 4.91 24.15 17.40
N PHE B 170 4.73 24.00 16.10
CA PHE B 170 5.08 25.10 15.18
C PHE B 170 4.20 25.05 13.94
N ARG B 171 4.34 26.16 13.21
CA ARG B 171 3.63 26.50 11.95
C ARG B 171 4.66 26.95 10.93
N LEU B 172 4.57 26.39 9.73
CA LEU B 172 5.53 26.69 8.66
C LEU B 172 4.71 27.12 7.44
N ARG B 173 4.66 28.42 7.23
CA ARG B 173 4.10 29.09 6.05
C ARG B 173 5.02 28.74 4.88
N VAL B 174 4.58 27.92 3.94
CA VAL B 174 5.37 27.49 2.75
C VAL B 174 5.48 28.65 1.76
N ALA B 175 6.68 29.20 1.61
CA ALA B 175 7.01 30.28 0.63
C ALA B 175 7.48 29.63 -0.69
N GLU B 176 8.20 28.52 -0.58
CA GLU B 176 8.79 27.81 -1.74
C GLU B 176 8.61 26.31 -1.56
N ALA B 177 8.28 25.60 -2.63
CA ALA B 177 8.17 24.12 -2.57
C ALA B 177 8.76 23.54 -3.85
N ASP B 178 9.64 22.57 -3.70
CA ASP B 178 10.39 21.91 -4.82
C ASP B 178 10.27 20.38 -4.60
N GLY B 179 10.18 19.61 -5.66
CA GLY B 179 10.05 18.13 -5.65
C GLY B 179 10.97 17.48 -6.65
N MET B 180 11.87 16.65 -6.14
CA MET B 180 12.72 15.71 -6.91
C MET B 180 11.93 14.43 -7.14
N PHE B 181 11.59 14.13 -8.40
CA PHE B 181 11.04 12.79 -8.71
C PHE B 181 12.00 12.09 -9.68
N LYS B 182 13.07 11.59 -9.10
CA LYS B 182 14.19 11.04 -9.88
C LYS B 182 13.82 9.58 -10.18
N LEU B 183 13.28 9.35 -11.36
CA LEU B 183 12.59 8.06 -11.62
C LEU B 183 12.94 7.58 -13.03
N SER B 184 14.20 7.69 -13.44
CA SER B 184 14.74 7.15 -14.72
C SER B 184 14.18 7.90 -15.94
N GLN B 185 13.59 9.08 -15.77
CA GLN B 185 13.07 9.89 -16.91
C GLN B 185 14.22 10.25 -17.88
N GLU B 186 15.50 10.22 -17.45
CA GLU B 186 16.71 10.47 -18.28
C GLU B 186 16.94 9.30 -19.24
N GLN B 187 16.41 8.11 -18.97
CA GLN B 187 16.67 6.92 -19.84
C GLN B 187 15.70 6.97 -21.04
N GLN B 188 16.02 6.20 -22.07
CA GLN B 188 15.13 5.94 -23.24
C GLN B 188 13.92 5.13 -22.77
N PRO B 189 12.75 5.25 -23.43
CA PRO B 189 11.50 4.56 -23.01
C PRO B 189 11.61 3.07 -22.68
N ALA B 190 12.26 2.27 -23.52
CA ALA B 190 12.43 0.82 -23.31
C ALA B 190 13.19 0.57 -22.00
N ILE B 191 14.20 1.38 -21.69
CA ILE B 191 15.03 1.18 -20.47
C ILE B 191 14.18 1.56 -19.24
N ARG B 192 13.40 2.64 -19.31
CA ARG B 192 12.49 3.06 -18.22
C ARG B 192 11.54 1.89 -17.91
N ARG B 193 11.01 1.23 -18.95
CA ARG B 193 10.14 0.04 -18.80
C ARG B 193 10.88 -1.12 -18.13
N ARG B 194 12.15 -1.37 -18.51
CA ARG B 194 12.94 -2.46 -17.90
C ARG B 194 13.10 -2.19 -16.41
N VAL B 195 13.42 -0.94 -16.05
CA VAL B 195 13.61 -0.48 -14.66
C VAL B 195 12.28 -0.70 -13.90
N ARG B 196 11.18 -0.16 -14.43
CA ARG B 196 9.84 -0.27 -13.79
C ARG B 196 9.54 -1.75 -13.56
N HIS B 197 9.84 -2.59 -14.55
CA HIS B 197 9.52 -4.03 -14.51
C HIS B 197 10.34 -4.69 -13.40
N SER B 198 11.64 -4.40 -13.31
CA SER B 198 12.54 -4.98 -12.28
C SER B 198 12.08 -4.57 -10.87
N PHE B 199 11.51 -3.38 -10.69
CA PHE B 199 11.13 -2.86 -9.35
C PHE B 199 9.77 -3.43 -8.94
N GLY B 200 8.97 -3.91 -9.91
CA GLY B 200 7.66 -4.55 -9.69
C GLY B 200 7.76 -5.88 -8.96
N GLY B 201 8.95 -6.48 -8.90
CA GLY B 201 9.18 -7.87 -8.46
C GLY B 201 9.55 -8.02 -6.98
N ALA B 202 9.52 -6.95 -6.17
CA ALA B 202 9.91 -7.01 -4.74
C ALA B 202 9.28 -5.88 -3.91
N GLU B 203 8.91 -6.15 -2.66
CA GLU B 203 8.22 -5.14 -1.81
C GLU B 203 9.07 -3.87 -1.67
N ALA B 204 10.40 -4.00 -1.56
CA ALA B 204 11.32 -2.89 -1.27
C ALA B 204 11.24 -1.81 -2.38
N THR B 205 10.82 -2.19 -3.57
CA THR B 205 10.92 -1.33 -4.79
C THR B 205 9.56 -1.10 -5.48
N ARG B 206 8.48 -1.78 -5.07
CA ARG B 206 7.14 -1.67 -5.73
C ARG B 206 6.60 -0.23 -5.67
N ALA B 207 6.86 0.51 -4.58
CA ALA B 207 6.35 1.89 -4.42
C ALA B 207 7.02 2.81 -5.46
N VAL B 208 8.30 2.57 -5.77
CA VAL B 208 9.00 3.31 -6.86
C VAL B 208 8.36 2.92 -8.20
N ALA B 209 8.18 1.63 -8.46
CA ALA B 209 7.52 1.15 -9.68
C ALA B 209 6.15 1.81 -9.84
N GLY B 210 5.39 1.94 -8.74
CA GLY B 210 4.08 2.62 -8.69
C GLY B 210 4.15 4.05 -9.21
N LEU B 211 5.15 4.81 -8.75
CA LEU B 211 5.28 6.22 -9.23
C LEU B 211 5.72 6.25 -10.71
N MET B 212 6.67 5.37 -11.08
CA MET B 212 7.16 5.28 -12.48
C MET B 212 5.99 4.98 -13.43
N ASP B 213 5.07 4.12 -13.02
CA ASP B 213 3.86 3.74 -13.80
C ASP B 213 2.94 4.96 -14.06
N ARG B 214 2.98 5.99 -13.22
CA ARG B 214 2.05 7.15 -13.31
C ARG B 214 2.68 8.32 -14.08
N LEU B 215 3.92 8.19 -14.55
CA LEU B 215 4.52 9.29 -15.33
C LEU B 215 3.79 9.32 -16.68
N PRO B 216 3.51 10.52 -17.23
CA PRO B 216 2.74 10.63 -18.47
C PRO B 216 3.23 9.69 -19.59
N GLY C 4 -23.22 -30.25 0.75
CA GLY C 4 -24.15 -29.34 -0.01
C GLY C 4 -23.49 -28.68 -1.21
N ALA C 5 -23.96 -27.49 -1.58
CA ALA C 5 -23.64 -26.83 -2.87
C ALA C 5 -22.33 -26.02 -2.75
N MET C 6 -21.91 -25.71 -1.54
CA MET C 6 -20.65 -24.98 -1.26
C MET C 6 -19.81 -25.81 -0.30
N PHE C 7 -18.55 -26.02 -0.64
CA PHE C 7 -17.64 -26.79 0.20
C PHE C 7 -17.15 -25.86 1.33
N VAL C 8 -17.42 -26.26 2.59
CA VAL C 8 -16.98 -25.50 3.79
C VAL C 8 -16.46 -26.51 4.81
N PRO C 9 -15.13 -26.62 4.99
CA PRO C 9 -14.57 -27.46 6.04
C PRO C 9 -15.14 -27.07 7.41
N GLY C 10 -15.30 -28.10 8.25
CA GLY C 10 -15.99 -27.98 9.55
C GLY C 10 -15.46 -26.81 10.37
N PRO C 11 -14.13 -26.56 10.44
CA PRO C 11 -13.59 -25.54 11.31
C PRO C 11 -14.01 -24.13 10.86
N TYR C 12 -14.44 -23.96 9.61
CA TYR C 12 -14.76 -22.64 9.01
C TYR C 12 -16.27 -22.35 8.93
N HIS C 13 -17.13 -23.08 9.64
CA HIS C 13 -18.58 -22.77 9.74
C HIS C 13 -18.74 -21.53 10.62
N ALA C 14 -19.72 -20.67 10.30
CA ALA C 14 -20.08 -19.54 11.21
C ALA C 14 -20.45 -20.11 12.58
N PRO C 15 -20.14 -19.38 13.68
CA PRO C 15 -20.68 -19.65 15.00
C PRO C 15 -22.21 -19.66 15.03
N GLU C 16 -22.85 -18.73 14.31
CA GLU C 16 -24.32 -18.47 14.36
C GLU C 16 -24.80 -18.18 12.94
N ASP C 17 -26.06 -18.53 12.63
CA ASP C 17 -26.63 -18.24 11.29
C ASP C 17 -26.60 -16.73 11.03
N ARG C 18 -26.68 -15.90 12.08
CA ARG C 18 -26.73 -14.43 11.94
C ARG C 18 -25.48 -13.89 11.23
N TRP C 19 -24.35 -14.57 11.37
CA TRP C 19 -23.08 -14.13 10.75
C TRP C 19 -23.27 -14.08 9.23
N LEU C 20 -24.10 -14.96 8.66
CA LEU C 20 -24.23 -14.95 7.18
C LEU C 20 -25.06 -13.73 6.77
N VAL C 21 -26.12 -13.44 7.55
CA VAL C 21 -26.98 -12.25 7.30
C VAL C 21 -26.10 -11.01 7.43
N ASP C 22 -25.28 -10.98 8.47
CA ASP C 22 -24.40 -9.82 8.75
C ASP C 22 -23.48 -9.55 7.54
N LEU C 23 -22.93 -10.60 6.93
CA LEU C 23 -21.98 -10.44 5.80
C LEU C 23 -22.74 -9.92 4.55
N VAL C 24 -23.93 -10.43 4.30
CA VAL C 24 -24.78 -9.97 3.17
C VAL C 24 -25.05 -8.48 3.34
N ARG C 25 -25.40 -8.05 4.57
CA ARG C 25 -25.72 -6.65 4.91
C ARG C 25 -24.47 -5.79 4.71
N GLY C 26 -23.31 -6.32 5.09
CA GLY C 26 -22.03 -5.57 5.10
C GLY C 26 -21.42 -5.42 3.71
N HIS C 27 -21.72 -6.32 2.77
CA HIS C 27 -21.03 -6.50 1.47
C HIS C 27 -22.03 -6.75 0.36
N PRO C 28 -22.91 -5.77 0.07
CA PRO C 28 -24.04 -5.98 -0.83
C PRO C 28 -23.76 -6.14 -2.32
N LEU C 29 -22.54 -5.77 -2.76
CA LEU C 29 -22.15 -5.90 -4.17
C LEU C 29 -21.70 -7.36 -4.37
N ALA C 30 -22.69 -8.18 -4.74
CA ALA C 30 -22.54 -9.64 -4.77
C ALA C 30 -22.09 -10.04 -6.17
N GLN C 31 -21.51 -11.23 -6.32
CA GLN C 31 -21.26 -11.77 -7.69
C GLN C 31 -22.41 -12.72 -8.04
N LEU C 32 -23.23 -12.34 -8.99
CA LEU C 32 -24.37 -13.19 -9.45
C LEU C 32 -23.88 -14.10 -10.58
N ALA C 33 -24.06 -15.40 -10.42
CA ALA C 33 -23.60 -16.44 -11.37
C ALA C 33 -24.76 -17.33 -11.79
N SER C 34 -24.81 -17.61 -13.09
CA SER C 34 -25.75 -18.58 -13.69
C SER C 34 -25.05 -19.29 -14.86
N ASN C 35 -25.55 -20.46 -15.23
CA ASN C 35 -24.89 -21.37 -16.19
C ASN C 35 -24.75 -20.68 -17.55
N GLY C 36 -23.61 -20.86 -18.19
CA GLY C 36 -23.43 -20.51 -19.61
C GLY C 36 -24.14 -21.54 -20.49
N ALA C 37 -24.64 -21.13 -21.64
CA ALA C 37 -25.36 -22.07 -22.56
C ALA C 37 -24.32 -22.93 -23.29
N GLY C 38 -24.67 -24.20 -23.49
CA GLY C 38 -23.91 -25.18 -24.30
C GLY C 38 -22.50 -25.35 -23.78
N GLY C 39 -22.36 -25.53 -22.46
CA GLY C 39 -21.08 -25.84 -21.81
C GLY C 39 -20.13 -24.65 -21.68
N ALA C 40 -20.56 -23.43 -22.05
CA ALA C 40 -19.77 -22.18 -21.91
C ALA C 40 -19.61 -21.88 -20.42
N ALA C 41 -18.61 -21.07 -20.07
CA ALA C 41 -18.38 -20.67 -18.66
C ALA C 41 -19.62 -19.93 -18.16
N PRO C 42 -19.91 -20.00 -16.85
CA PRO C 42 -20.98 -19.19 -16.26
C PRO C 42 -20.90 -17.69 -16.61
N HIS C 43 -22.07 -17.06 -16.65
CA HIS C 43 -22.22 -15.58 -16.67
C HIS C 43 -21.96 -15.08 -15.24
N ILE C 44 -21.21 -14.01 -15.07
CA ILE C 44 -20.94 -13.41 -13.72
C ILE C 44 -21.20 -11.91 -13.86
N THR C 45 -22.10 -11.37 -13.03
CA THR C 45 -22.33 -9.92 -12.94
C THR C 45 -22.26 -9.46 -11.49
N HIS C 46 -21.54 -8.37 -11.22
CA HIS C 46 -21.56 -7.69 -9.90
C HIS C 46 -22.84 -6.85 -9.77
N VAL C 47 -23.66 -7.14 -8.74
CA VAL C 47 -25.04 -6.59 -8.64
C VAL C 47 -25.33 -6.29 -7.18
N PRO C 48 -25.99 -5.14 -6.90
CA PRO C 48 -26.36 -4.78 -5.54
C PRO C 48 -27.60 -5.56 -5.09
N ILE C 49 -27.44 -6.31 -3.99
CA ILE C 49 -28.49 -7.18 -3.42
C ILE C 49 -28.70 -6.84 -1.94
N ILE C 50 -29.96 -6.72 -1.55
CA ILE C 50 -30.35 -6.39 -0.16
C ILE C 50 -31.34 -7.42 0.31
N VAL C 51 -31.43 -7.57 1.63
CA VAL C 51 -32.50 -8.38 2.27
C VAL C 51 -33.83 -7.66 2.06
N ASP C 52 -34.88 -8.43 1.79
CA ASP C 52 -36.29 -7.98 1.75
C ASP C 52 -36.47 -6.86 2.76
N PRO C 53 -36.75 -5.62 2.30
CA PRO C 53 -36.93 -4.48 3.20
C PRO C 53 -38.24 -4.53 3.99
N GLU C 54 -39.16 -5.41 3.59
CA GLU C 54 -40.48 -5.57 4.26
C GLU C 54 -40.36 -6.47 5.50
N LEU C 55 -39.21 -7.12 5.80
CA LEU C 55 -39.09 -8.05 6.95
C LEU C 55 -39.01 -7.27 8.26
N ASP C 56 -39.81 -7.67 9.24
CA ASP C 56 -39.89 -7.02 10.57
C ASP C 56 -39.16 -7.91 11.58
N GLY C 57 -38.50 -7.30 12.57
CA GLY C 57 -37.88 -8.00 13.71
C GLY C 57 -36.60 -8.69 13.28
N PRO C 58 -35.97 -9.51 14.15
CA PRO C 58 -34.60 -9.97 13.93
C PRO C 58 -34.53 -10.96 12.76
N VAL C 59 -33.61 -10.75 11.84
CA VAL C 59 -33.37 -11.69 10.69
C VAL C 59 -32.12 -12.49 11.08
N ASP C 60 -32.30 -13.73 11.49
CA ASP C 60 -31.18 -14.57 11.98
C ASP C 60 -30.75 -15.54 10.88
N ARG C 61 -31.63 -15.87 9.93
CA ARG C 61 -31.39 -16.94 8.93
C ARG C 61 -31.63 -16.38 7.53
N LEU C 62 -30.76 -16.69 6.57
CA LEU C 62 -31.00 -16.33 5.14
C LEU C 62 -32.00 -17.30 4.51
N VAL C 63 -31.98 -18.58 4.88
CA VAL C 63 -32.78 -19.58 4.12
C VAL C 63 -34.25 -19.22 4.31
N GLY C 64 -35.00 -19.07 3.22
CA GLY C 64 -36.43 -18.75 3.31
C GLY C 64 -36.73 -17.28 3.13
N ILE C 65 -35.75 -16.36 3.24
CA ILE C 65 -36.04 -14.93 2.96
C ILE C 65 -35.85 -14.66 1.46
N THR C 66 -36.45 -13.59 0.98
CA THR C 66 -36.34 -13.13 -0.42
C THR C 66 -35.32 -12.00 -0.43
N LEU C 67 -34.37 -12.09 -1.34
CA LEU C 67 -33.39 -11.02 -1.59
C LEU C 67 -33.85 -10.20 -2.79
N TRP C 68 -33.58 -8.91 -2.73
CA TRP C 68 -33.95 -7.95 -3.81
C TRP C 68 -32.67 -7.48 -4.49
N GLY C 69 -32.66 -7.35 -5.81
CA GLY C 69 -31.43 -6.89 -6.47
C GLY C 69 -31.76 -6.33 -7.82
N HIS C 70 -30.80 -5.69 -8.45
CA HIS C 70 -30.99 -5.23 -9.86
C HIS C 70 -29.66 -5.33 -10.60
N MET C 71 -29.79 -5.33 -11.92
CA MET C 71 -28.70 -5.29 -12.89
C MET C 71 -29.16 -4.48 -14.10
N ASN C 72 -28.24 -4.27 -15.05
CA ASN C 72 -28.52 -3.56 -16.32
C ASN C 72 -29.32 -4.50 -17.23
N ARG C 73 -30.51 -4.08 -17.66
CA ARG C 73 -31.36 -4.89 -18.57
C ARG C 73 -30.61 -5.14 -19.87
N ALA C 74 -29.70 -4.25 -20.25
CA ALA C 74 -28.92 -4.33 -21.50
C ALA C 74 -27.79 -5.35 -21.36
N ASN C 75 -27.50 -5.78 -20.12
CA ASN C 75 -26.47 -6.81 -19.85
C ASN C 75 -26.99 -8.10 -20.48
N PRO C 76 -26.23 -8.75 -21.39
CA PRO C 76 -26.63 -10.05 -21.96
C PRO C 76 -26.99 -11.09 -20.90
N HIS C 77 -26.44 -10.96 -19.69
CA HIS C 77 -26.78 -11.87 -18.58
C HIS C 77 -28.29 -11.86 -18.30
N TRP C 78 -28.90 -10.66 -18.36
CA TRP C 78 -30.36 -10.49 -18.13
C TRP C 78 -31.16 -11.43 -19.04
N ALA C 79 -30.96 -11.37 -20.37
CA ALA C 79 -31.63 -12.26 -21.37
C ALA C 79 -31.24 -13.71 -21.11
N ALA C 80 -30.00 -14.00 -20.68
CA ALA C 80 -29.50 -15.36 -20.47
C ALA C 80 -30.21 -15.98 -19.26
N LEU C 81 -30.71 -15.18 -18.33
CA LEU C 81 -31.36 -15.72 -17.11
C LEU C 81 -32.73 -16.32 -17.47
N GLY C 82 -33.35 -15.81 -18.54
CA GLY C 82 -34.70 -16.23 -18.97
C GLY C 82 -35.67 -16.14 -17.81
N GLY C 83 -36.43 -17.22 -17.55
CA GLY C 83 -37.53 -17.25 -16.58
C GLY C 83 -37.07 -17.55 -15.16
N ALA C 84 -36.93 -18.84 -14.82
CA ALA C 84 -36.75 -19.34 -13.43
C ALA C 84 -35.33 -19.91 -13.25
N ALA C 85 -34.32 -19.13 -13.65
CA ALA C 85 -32.89 -19.52 -13.60
C ALA C 85 -32.45 -19.88 -12.18
N ASN C 86 -31.76 -21.01 -12.03
CA ASN C 86 -31.09 -21.38 -10.77
C ASN C 86 -29.77 -20.63 -10.69
N VAL C 87 -29.60 -19.80 -9.66
CA VAL C 87 -28.44 -18.87 -9.59
C VAL C 87 -27.73 -19.05 -8.27
N VAL C 88 -26.55 -18.51 -8.21
CA VAL C 88 -25.79 -18.37 -6.93
C VAL C 88 -25.37 -16.92 -6.85
N ALA C 89 -25.55 -16.29 -5.70
CA ALA C 89 -25.03 -14.94 -5.44
C ALA C 89 -24.04 -15.06 -4.30
N THR C 90 -22.81 -14.67 -4.56
CA THR C 90 -21.68 -14.82 -3.63
C THR C 90 -21.35 -13.42 -3.10
N PHE C 91 -21.29 -13.34 -1.78
CA PHE C 91 -21.01 -12.10 -1.03
C PHE C 91 -19.67 -12.29 -0.36
N ALA C 92 -18.70 -11.41 -0.63
CA ALA C 92 -17.29 -11.53 -0.17
C ALA C 92 -17.00 -10.51 0.93
N GLY C 93 -16.68 -10.98 2.13
CA GLY C 93 -16.40 -10.06 3.25
C GLY C 93 -14.90 -9.77 3.52
N PRO C 94 -14.56 -9.39 4.77
CA PRO C 94 -13.17 -9.17 5.18
C PRO C 94 -12.29 -10.36 4.86
N ASN C 95 -11.04 -10.09 4.49
CA ASN C 95 -10.10 -11.17 4.12
C ASN C 95 -8.70 -10.61 4.31
N ALA C 96 -7.72 -11.47 4.57
CA ALA C 96 -6.30 -11.06 4.59
C ALA C 96 -5.39 -12.27 4.42
N TYR C 97 -4.32 -12.06 3.67
CA TYR C 97 -3.24 -13.06 3.52
C TYR C 97 -2.59 -13.29 4.88
N VAL C 98 -2.28 -14.55 5.17
CA VAL C 98 -1.61 -15.00 6.43
C VAL C 98 -0.22 -15.55 6.11
N SER C 99 0.79 -14.76 6.45
CA SER C 99 2.22 -15.12 6.37
C SER C 99 2.53 -16.06 7.53
N PRO C 100 3.24 -17.21 7.35
CA PRO C 100 3.71 -17.99 8.49
C PRO C 100 4.72 -17.28 9.41
N ALA C 101 5.31 -16.17 8.98
CA ALA C 101 6.04 -15.20 9.83
C ALA C 101 5.21 -14.82 11.05
N VAL C 102 3.89 -14.68 10.90
CA VAL C 102 2.98 -14.22 11.97
C VAL C 102 2.85 -15.39 12.95
N TYR C 103 2.80 -16.63 12.45
CA TYR C 103 2.67 -17.82 13.33
C TYR C 103 3.89 -17.93 14.26
N ARG C 104 5.08 -17.69 13.72
CA ARG C 104 6.40 -17.89 14.40
C ARG C 104 6.61 -19.38 14.71
N THR C 105 6.06 -20.28 13.90
CA THR C 105 6.18 -21.75 14.07
C THR C 105 6.76 -22.31 12.78
N ALA C 106 7.25 -23.55 12.84
CA ALA C 106 7.85 -24.28 11.70
C ALA C 106 7.56 -25.77 11.92
N PRO C 107 7.15 -26.53 10.88
CA PRO C 107 6.97 -26.00 9.53
C PRO C 107 5.58 -25.37 9.41
N ALA C 108 5.25 -24.75 8.29
CA ALA C 108 3.94 -24.12 8.10
C ALA C 108 3.72 -23.91 6.60
N ALA C 109 2.51 -23.51 6.23
CA ALA C 109 2.18 -23.05 4.87
C ALA C 109 1.41 -21.74 5.04
N PRO C 110 1.54 -20.79 4.08
CA PRO C 110 0.74 -19.57 4.14
C PRO C 110 -0.71 -19.99 3.88
N THR C 111 -1.65 -19.08 4.12
CA THR C 111 -3.06 -19.29 3.74
C THR C 111 -3.66 -17.91 3.46
N TRP C 112 -4.94 -17.87 3.15
CA TRP C 112 -5.67 -16.58 3.05
C TRP C 112 -6.89 -16.68 3.96
N ASN C 113 -6.98 -15.87 5.01
CA ASN C 113 -8.20 -15.84 5.80
C ASN C 113 -9.23 -15.08 4.99
N PHE C 114 -10.38 -15.54 4.94
CA PHE C 114 -11.49 -14.90 4.22
C PHE C 114 -12.85 -15.32 4.73
N THR C 115 -13.84 -14.53 4.31
CA THR C 115 -15.29 -14.75 4.57
C THR C 115 -16.07 -14.73 3.27
N SER C 116 -17.01 -15.68 3.10
CA SER C 116 -17.83 -15.72 1.87
C SER C 116 -19.21 -16.25 2.26
N VAL C 117 -20.25 -15.71 1.68
CA VAL C 117 -21.61 -16.30 1.75
C VAL C 117 -22.08 -16.55 0.33
N GLN C 118 -22.54 -17.77 0.07
CA GLN C 118 -23.11 -18.21 -1.23
C GLN C 118 -24.58 -18.55 -0.99
N VAL C 119 -25.46 -17.76 -1.57
CA VAL C 119 -26.92 -18.10 -1.56
C VAL C 119 -27.29 -18.64 -2.93
N ARG C 120 -28.16 -19.64 -2.88
CA ARG C 120 -28.75 -20.30 -4.05
C ARG C 120 -30.26 -20.26 -3.96
N GLY C 121 -30.84 -20.05 -5.12
CA GLY C 121 -32.27 -20.29 -5.37
C GLY C 121 -32.62 -19.88 -6.79
N GLU C 122 -33.91 -19.71 -7.03
CA GLU C 122 -34.49 -19.38 -8.34
C GLU C 122 -34.59 -17.85 -8.43
N LEU C 123 -34.02 -17.25 -9.46
CA LEU C 123 -34.09 -15.79 -9.68
C LEU C 123 -35.38 -15.49 -10.47
N ARG C 124 -36.25 -14.67 -9.93
CA ARG C 124 -37.53 -14.29 -10.58
C ARG C 124 -37.38 -12.84 -10.99
N LYS C 125 -37.52 -12.54 -12.28
CA LYS C 125 -37.50 -11.16 -12.78
C LYS C 125 -38.78 -10.43 -12.33
N VAL C 126 -38.61 -9.16 -11.97
CA VAL C 126 -39.66 -8.14 -11.80
C VAL C 126 -39.81 -7.46 -13.15
N GLU C 127 -40.96 -7.53 -13.80
CA GLU C 127 -41.12 -6.79 -15.08
C GLU C 127 -41.74 -5.40 -14.80
N SER C 128 -42.67 -5.34 -13.85
CA SER C 128 -43.52 -4.16 -13.59
C SER C 128 -42.67 -2.98 -13.11
N ALA C 129 -42.85 -1.83 -13.75
CA ALA C 129 -42.26 -0.53 -13.38
C ALA C 129 -42.42 -0.25 -11.87
N ASP C 130 -43.58 -0.60 -11.28
CA ASP C 130 -43.90 -0.34 -9.85
C ASP C 130 -42.87 -1.07 -8.97
N ASP C 131 -42.60 -2.31 -9.31
CA ASP C 131 -41.78 -3.23 -8.48
C ASP C 131 -40.28 -2.94 -8.75
N THR C 132 -39.99 -2.45 -9.95
CA THR C 132 -38.65 -1.99 -10.38
C THR C 132 -38.27 -0.73 -9.58
N LEU C 133 -39.19 0.25 -9.53
CA LEU C 133 -39.00 1.46 -8.71
C LEU C 133 -38.82 1.08 -7.25
N ALA C 134 -39.67 0.24 -6.69
CA ALA C 134 -39.57 -0.20 -5.27
C ALA C 134 -38.16 -0.76 -5.01
N THR C 135 -37.63 -1.56 -5.96
CA THR C 135 -36.32 -2.23 -5.82
C THR C 135 -35.23 -1.16 -5.64
N VAL C 136 -35.17 -0.17 -6.51
CA VAL C 136 -34.05 0.83 -6.49
C VAL C 136 -34.21 1.76 -5.27
N ARG C 137 -35.43 2.15 -4.90
CA ARG C 137 -35.58 3.08 -3.73
C ARG C 137 -35.24 2.30 -2.45
N ALA C 138 -35.60 1.02 -2.38
CA ALA C 138 -35.31 0.23 -1.15
C ALA C 138 -33.79 0.07 -1.09
N THR C 139 -33.15 -0.01 -2.26
CA THR C 139 -31.67 -0.18 -2.32
C THR C 139 -30.99 1.12 -1.81
N VAL C 140 -31.47 2.26 -2.24
CA VAL C 140 -30.95 3.56 -1.78
C VAL C 140 -31.12 3.62 -0.27
N ALA C 141 -32.33 3.34 0.24
CA ALA C 141 -32.58 3.44 1.69
C ALA C 141 -31.52 2.62 2.46
N ALA C 142 -31.39 1.35 2.08
CA ALA C 142 -30.52 0.37 2.75
C ALA C 142 -29.05 0.80 2.63
N LEU C 143 -28.55 1.14 1.42
CA LEU C 143 -27.10 1.37 1.23
C LEU C 143 -26.73 2.77 1.69
N GLU C 144 -27.55 3.79 1.41
CA GLU C 144 -27.14 5.18 1.76
C GLU C 144 -26.97 5.26 3.29
N SER C 145 -27.83 4.59 4.06
CA SER C 145 -27.81 4.65 5.55
C SER C 145 -26.56 3.93 6.07
N ARG C 146 -26.22 2.78 5.49
CA ARG C 146 -25.07 1.96 5.96
C ARG C 146 -23.72 2.48 5.43
N PHE C 147 -23.59 2.95 4.18
CA PHE C 147 -22.28 3.25 3.53
C PHE C 147 -22.17 4.70 3.09
N GLY C 148 -23.26 5.48 3.24
CA GLY C 148 -23.33 6.78 2.57
C GLY C 148 -23.01 7.93 3.51
N ALA C 149 -23.45 9.11 3.08
CA ALA C 149 -23.04 10.41 3.64
C ALA C 149 -24.26 11.32 3.71
N GLY C 150 -25.42 10.76 4.06
CA GLY C 150 -26.64 11.47 4.45
C GLY C 150 -27.42 11.98 3.25
N TRP C 151 -27.21 11.43 2.04
CA TRP C 151 -27.90 11.94 0.81
C TRP C 151 -29.41 11.66 0.91
N ASP C 152 -30.20 12.63 0.50
CA ASP C 152 -31.67 12.57 0.42
C ASP C 152 -32.05 12.34 -1.04
N MET C 153 -32.72 11.23 -1.31
CA MET C 153 -33.12 10.82 -2.68
C MET C 153 -34.38 11.58 -3.16
N THR C 154 -35.02 12.35 -2.28
CA THR C 154 -36.37 12.93 -2.57
C THR C 154 -36.35 13.67 -3.91
N GLY C 155 -35.38 14.54 -4.12
CA GLY C 155 -35.27 15.41 -5.31
C GLY C 155 -34.92 14.65 -6.58
N SER C 156 -34.64 13.34 -6.46
CA SER C 156 -34.25 12.46 -7.59
C SER C 156 -35.28 11.36 -7.85
N LEU C 157 -36.41 11.39 -7.15
CA LEU C 157 -37.50 10.38 -7.37
C LEU C 157 -38.01 10.41 -8.82
N ASP C 158 -38.13 11.58 -9.46
CA ASP C 158 -38.57 11.64 -10.87
C ASP C 158 -37.47 11.13 -11.80
N TYR C 159 -36.22 11.37 -11.45
CA TYR C 159 -35.04 10.88 -12.21
C TYR C 159 -35.07 9.35 -12.23
N PHE C 160 -35.25 8.72 -11.05
CA PHE C 160 -35.31 7.25 -10.88
C PHE C 160 -36.37 6.70 -11.86
N ARG C 161 -37.54 7.36 -11.88
CA ARG C 161 -38.71 6.84 -12.62
C ARG C 161 -38.36 6.86 -14.11
N ARG C 162 -37.63 7.86 -14.54
CA ARG C 162 -37.29 8.01 -15.97
C ARG C 162 -36.29 6.92 -16.38
N ILE C 163 -35.34 6.53 -15.51
CA ILE C 163 -34.24 5.63 -15.94
C ILE C 163 -34.67 4.19 -15.72
N LEU C 164 -35.83 4.02 -15.16
CA LEU C 164 -36.33 2.71 -14.75
C LEU C 164 -36.33 1.69 -15.90
N PRO C 165 -36.63 2.06 -17.17
CA PRO C 165 -36.57 1.12 -18.28
C PRO C 165 -35.23 0.34 -18.39
N GLY C 166 -34.11 0.93 -17.94
CA GLY C 166 -32.76 0.32 -18.02
C GLY C 166 -32.50 -0.64 -16.87
N VAL C 167 -33.36 -0.69 -15.86
CA VAL C 167 -33.12 -1.61 -14.72
C VAL C 167 -33.77 -2.96 -14.94
N GLY C 168 -33.03 -4.04 -14.60
CA GLY C 168 -33.53 -5.42 -14.52
C GLY C 168 -33.59 -5.79 -13.07
N ALA C 169 -34.75 -5.57 -12.45
CA ALA C 169 -34.95 -5.89 -11.02
C ALA C 169 -35.34 -7.37 -10.87
N PHE C 170 -34.97 -7.95 -9.73
CA PHE C 170 -35.17 -9.39 -9.51
C PHE C 170 -35.37 -9.67 -8.03
N ARG C 171 -35.88 -10.86 -7.80
CA ARG C 171 -36.15 -11.42 -6.47
C ARG C 171 -35.46 -12.77 -6.37
N LEU C 172 -34.84 -13.07 -5.24
CA LEU C 172 -34.11 -14.34 -5.06
C LEU C 172 -34.52 -14.91 -3.72
N ARG C 173 -35.39 -15.91 -3.75
CA ARG C 173 -35.80 -16.62 -2.54
C ARG C 173 -34.64 -17.57 -2.28
N VAL C 174 -34.00 -17.40 -1.13
CA VAL C 174 -32.86 -18.23 -0.72
C VAL C 174 -33.37 -19.64 -0.39
N ALA C 175 -32.95 -20.65 -1.16
CA ALA C 175 -33.25 -22.09 -0.94
C ALA C 175 -32.13 -22.72 -0.11
N GLU C 176 -30.88 -22.30 -0.35
CA GLU C 176 -29.68 -22.78 0.35
C GLU C 176 -28.75 -21.59 0.63
N ALA C 177 -28.15 -21.59 1.80
CA ALA C 177 -27.19 -20.54 2.18
C ALA C 177 -25.99 -21.23 2.82
N ASP C 178 -24.80 -20.87 2.39
CA ASP C 178 -23.54 -21.47 2.90
C ASP C 178 -22.60 -20.35 3.23
N GLY C 179 -21.83 -20.52 4.30
CA GLY C 179 -20.93 -19.47 4.80
C GLY C 179 -19.57 -20.04 5.07
N MET C 180 -18.54 -19.49 4.41
CA MET C 180 -17.12 -19.78 4.70
C MET C 180 -16.56 -18.69 5.61
N PHE C 181 -16.24 -19.03 6.87
CA PHE C 181 -15.59 -18.09 7.79
C PHE C 181 -14.20 -18.65 8.14
N LYS C 182 -13.26 -18.42 7.22
CA LYS C 182 -11.87 -18.98 7.32
C LYS C 182 -11.00 -17.98 8.09
N LEU C 183 -10.85 -18.23 9.40
CA LEU C 183 -10.36 -17.24 10.39
C LEU C 183 -9.38 -17.93 11.37
N SER C 184 -8.56 -18.83 10.84
CA SER C 184 -7.42 -19.53 11.50
C SER C 184 -7.94 -20.49 12.57
N GLN C 185 -9.18 -20.96 12.46
CA GLN C 185 -9.74 -21.95 13.43
C GLN C 185 -8.90 -23.23 13.43
N GLU C 186 -8.20 -23.53 12.35
CA GLU C 186 -7.46 -24.80 12.19
C GLU C 186 -6.17 -24.74 13.02
N GLN C 187 -5.72 -23.54 13.41
CA GLN C 187 -4.43 -23.33 14.12
C GLN C 187 -4.62 -23.64 15.61
N GLN C 188 -3.55 -23.91 16.34
CA GLN C 188 -3.57 -24.00 17.83
C GLN C 188 -4.00 -22.63 18.39
N PRO C 189 -4.68 -22.57 19.56
CA PRO C 189 -5.18 -21.31 20.11
C PRO C 189 -4.14 -20.18 20.31
N ALA C 190 -2.94 -20.50 20.78
CA ALA C 190 -1.82 -19.53 20.90
C ALA C 190 -1.48 -18.92 19.51
N ILE C 191 -1.54 -19.69 18.44
CA ILE C 191 -1.18 -19.22 17.06
C ILE C 191 -2.32 -18.33 16.53
N ARG C 192 -3.58 -18.73 16.78
CA ARG C 192 -4.79 -17.95 16.40
C ARG C 192 -4.71 -16.57 17.06
N ARG C 193 -4.29 -16.56 18.32
CA ARG C 193 -4.09 -15.30 19.06
C ARG C 193 -2.97 -14.48 18.40
N ARG C 194 -1.85 -15.08 17.96
CA ARG C 194 -0.79 -14.30 17.27
C ARG C 194 -1.33 -13.68 15.98
N VAL C 195 -2.17 -14.39 15.23
CA VAL C 195 -2.73 -13.88 13.95
C VAL C 195 -3.71 -12.72 14.27
N ARG C 196 -4.56 -12.87 15.29
CA ARG C 196 -5.54 -11.83 15.68
C ARG C 196 -4.82 -10.57 16.16
N HIS C 197 -3.84 -10.66 17.07
CA HIS C 197 -3.00 -9.48 17.48
C HIS C 197 -2.29 -8.84 16.27
N SER C 198 -1.64 -9.60 15.43
CA SER C 198 -1.03 -9.09 14.15
C SER C 198 -2.07 -8.31 13.35
N PHE C 199 -3.18 -8.91 12.99
CA PHE C 199 -4.16 -8.28 12.09
C PHE C 199 -4.75 -7.04 12.78
N GLY C 200 -4.64 -6.97 14.11
CA GLY C 200 -5.18 -5.84 14.89
C GLY C 200 -4.34 -4.57 14.79
N GLY C 201 -3.14 -4.65 14.22
CA GLY C 201 -2.12 -3.58 14.20
C GLY C 201 -2.11 -2.78 12.91
N ALA C 202 -3.01 -3.07 11.96
CA ALA C 202 -3.19 -2.29 10.72
C ALA C 202 -4.67 -2.20 10.32
N GLU C 203 -5.06 -1.05 9.78
CA GLU C 203 -6.47 -0.79 9.42
C GLU C 203 -6.92 -1.82 8.37
N ALA C 204 -6.06 -2.15 7.42
CA ALA C 204 -6.31 -3.10 6.30
C ALA C 204 -6.85 -4.45 6.82
N THR C 205 -6.41 -4.88 7.99
CA THR C 205 -6.65 -6.25 8.49
C THR C 205 -7.54 -6.23 9.73
N ARG C 206 -7.94 -5.05 10.18
CA ARG C 206 -8.64 -4.87 11.47
C ARG C 206 -9.99 -5.60 11.44
N ALA C 207 -10.74 -5.55 10.33
CA ALA C 207 -12.06 -6.20 10.20
C ALA C 207 -11.88 -7.72 10.34
N VAL C 208 -10.80 -8.29 9.79
CA VAL C 208 -10.51 -9.75 9.99
C VAL C 208 -10.28 -9.99 11.48
N ALA C 209 -9.50 -9.15 12.14
CA ALA C 209 -9.19 -9.32 13.59
C ALA C 209 -10.51 -9.27 14.39
N GLY C 210 -11.43 -8.36 14.01
CA GLY C 210 -12.75 -8.18 14.67
C GLY C 210 -13.57 -9.48 14.70
N LEU C 211 -13.61 -10.13 13.54
CA LEU C 211 -14.34 -11.40 13.37
C LEU C 211 -13.62 -12.45 14.19
N MET C 212 -12.28 -12.49 14.15
CA MET C 212 -11.54 -13.49 14.92
C MET C 212 -11.81 -13.28 16.43
N ASP C 213 -11.98 -12.03 16.85
CA ASP C 213 -12.21 -11.68 18.26
C ASP C 213 -13.63 -12.10 18.67
N ARG C 214 -14.59 -12.17 17.74
CA ARG C 214 -16.01 -12.47 18.02
C ARG C 214 -16.18 -14.00 18.03
N LEU C 215 -15.16 -14.80 17.71
CA LEU C 215 -15.25 -16.28 17.63
C LEU C 215 -15.33 -16.86 19.03
N PRO C 216 -16.16 -17.90 19.27
CA PRO C 216 -16.46 -18.34 20.64
C PRO C 216 -15.21 -18.66 21.50
N ALA D 5 -18.16 -12.01 -23.29
CA ALA D 5 -18.66 -12.94 -22.21
C ALA D 5 -18.82 -12.18 -20.89
N MET D 6 -18.19 -11.01 -20.75
CA MET D 6 -18.44 -10.08 -19.61
C MET D 6 -18.99 -8.78 -20.17
N PHE D 7 -20.04 -8.25 -19.57
CA PHE D 7 -20.64 -6.95 -19.96
C PHE D 7 -19.85 -5.84 -19.29
N VAL D 8 -19.15 -5.03 -20.09
CA VAL D 8 -18.41 -3.84 -19.56
C VAL D 8 -18.74 -2.65 -20.43
N PRO D 9 -19.52 -1.70 -19.91
CA PRO D 9 -19.82 -0.46 -20.64
C PRO D 9 -18.52 0.24 -21.04
N GLY D 10 -18.51 0.87 -22.23
CA GLY D 10 -17.33 1.50 -22.85
C GLY D 10 -16.50 2.33 -21.86
N PRO D 11 -17.16 3.21 -21.06
CA PRO D 11 -16.47 4.12 -20.14
C PRO D 11 -15.69 3.43 -19.00
N TYR D 12 -15.98 2.16 -18.77
CA TYR D 12 -15.39 1.36 -17.65
C TYR D 12 -14.30 0.38 -18.13
N HIS D 13 -13.94 0.42 -19.41
CA HIS D 13 -12.77 -0.30 -19.98
C HIS D 13 -11.47 0.23 -19.38
N ALA D 14 -10.52 -0.67 -19.09
CA ALA D 14 -9.18 -0.26 -18.58
C ALA D 14 -8.52 0.61 -19.63
N PRO D 15 -7.74 1.63 -19.22
CA PRO D 15 -6.96 2.42 -20.16
C PRO D 15 -5.97 1.57 -20.96
N GLU D 16 -5.49 0.47 -20.37
CA GLU D 16 -4.45 -0.39 -20.96
C GLU D 16 -4.67 -1.84 -20.53
N ASP D 17 -4.22 -2.81 -21.32
CA ASP D 17 -4.39 -4.25 -20.99
C ASP D 17 -3.68 -4.61 -19.68
N ARG D 18 -2.59 -3.91 -19.39
CA ARG D 18 -1.73 -4.15 -18.21
C ARG D 18 -2.55 -3.97 -16.92
N TRP D 19 -3.66 -3.21 -16.94
CA TRP D 19 -4.45 -2.93 -15.71
C TRP D 19 -5.07 -4.24 -15.22
N LEU D 20 -5.47 -5.12 -16.14
CA LEU D 20 -6.12 -6.41 -15.87
C LEU D 20 -5.08 -7.31 -15.21
N VAL D 21 -3.84 -7.34 -15.72
CA VAL D 21 -2.74 -8.16 -15.12
C VAL D 21 -2.46 -7.67 -13.70
N ASP D 22 -2.38 -6.35 -13.54
CA ASP D 22 -2.13 -5.71 -12.22
C ASP D 22 -3.20 -6.15 -11.22
N LEU D 23 -4.47 -6.14 -11.61
CA LEU D 23 -5.56 -6.55 -10.67
C LEU D 23 -5.37 -8.02 -10.33
N VAL D 24 -5.08 -8.88 -11.31
CA VAL D 24 -4.92 -10.33 -11.02
C VAL D 24 -3.80 -10.48 -9.99
N ARG D 25 -2.67 -9.83 -10.21
CA ARG D 25 -1.51 -9.93 -9.28
C ARG D 25 -1.86 -9.39 -7.91
N GLY D 26 -2.72 -8.35 -7.84
CA GLY D 26 -3.06 -7.61 -6.63
C GLY D 26 -4.10 -8.32 -5.80
N HIS D 27 -4.82 -9.29 -6.39
CA HIS D 27 -6.08 -9.85 -5.84
C HIS D 27 -6.21 -11.32 -6.20
N PRO D 28 -5.23 -12.15 -5.79
CA PRO D 28 -5.13 -13.50 -6.33
C PRO D 28 -6.20 -14.49 -5.83
N LEU D 29 -6.91 -14.14 -4.75
CA LEU D 29 -7.95 -15.07 -4.27
C LEU D 29 -9.15 -14.83 -5.16
N ALA D 30 -9.26 -15.63 -6.23
CA ALA D 30 -10.31 -15.56 -7.27
C ALA D 30 -11.54 -16.36 -6.84
N GLN D 31 -12.70 -16.02 -7.41
CA GLN D 31 -13.87 -16.93 -7.40
C GLN D 31 -13.86 -17.73 -8.70
N LEU D 32 -13.62 -19.03 -8.61
CA LEU D 32 -13.65 -19.96 -9.79
C LEU D 32 -15.07 -20.47 -9.98
N ALA D 33 -15.67 -20.26 -11.16
CA ALA D 33 -17.06 -20.71 -11.41
C ALA D 33 -17.06 -21.70 -12.57
N SER D 34 -17.82 -22.77 -12.42
CA SER D 34 -18.13 -23.69 -13.52
C SER D 34 -19.61 -24.03 -13.44
N ASN D 35 -20.18 -24.42 -14.57
CA ASN D 35 -21.63 -24.73 -14.67
C ASN D 35 -22.02 -25.83 -13.70
N GLY D 36 -23.23 -25.72 -13.14
CA GLY D 36 -23.88 -26.77 -12.34
C GLY D 36 -24.52 -27.77 -13.29
N ALA D 37 -24.46 -29.04 -12.97
CA ALA D 37 -25.04 -30.09 -13.83
C ALA D 37 -26.56 -30.02 -13.67
N GLY D 38 -27.28 -30.29 -14.77
CA GLY D 38 -28.74 -30.46 -14.80
C GLY D 38 -29.47 -29.18 -14.40
N GLY D 39 -29.02 -28.04 -14.92
CA GLY D 39 -29.66 -26.72 -14.74
C GLY D 39 -29.44 -26.13 -13.36
N ALA D 40 -28.63 -26.76 -12.50
CA ALA D 40 -28.33 -26.28 -11.13
C ALA D 40 -27.45 -25.02 -11.24
N ALA D 41 -27.47 -24.20 -10.19
CA ALA D 41 -26.56 -23.04 -10.04
C ALA D 41 -25.10 -23.48 -10.23
N PRO D 42 -24.25 -22.56 -10.73
CA PRO D 42 -22.81 -22.81 -10.77
C PRO D 42 -22.18 -23.17 -9.43
N HIS D 43 -21.12 -23.98 -9.50
CA HIS D 43 -20.11 -24.17 -8.43
C HIS D 43 -19.25 -22.90 -8.38
N ILE D 44 -18.96 -22.47 -7.17
CA ILE D 44 -18.13 -21.26 -6.83
C ILE D 44 -17.13 -21.70 -5.76
N THR D 45 -15.82 -21.60 -6.05
CA THR D 45 -14.75 -21.82 -5.04
C THR D 45 -13.77 -20.66 -5.05
N HIS D 46 -13.48 -20.15 -3.86
CA HIS D 46 -12.40 -19.17 -3.65
C HIS D 46 -11.06 -19.88 -3.76
N VAL D 47 -10.28 -19.56 -4.79
CA VAL D 47 -8.98 -20.24 -5.02
C VAL D 47 -7.86 -19.24 -5.32
N PRO D 48 -6.62 -19.52 -4.86
CA PRO D 48 -5.44 -18.70 -5.15
C PRO D 48 -4.93 -18.96 -6.56
N ILE D 49 -4.88 -17.90 -7.37
CA ILE D 49 -4.50 -18.02 -8.79
C ILE D 49 -3.39 -17.01 -9.05
N ILE D 50 -2.33 -17.47 -9.71
CA ILE D 50 -1.18 -16.61 -10.12
C ILE D 50 -0.92 -16.74 -11.62
N VAL D 51 -0.27 -15.72 -12.16
CA VAL D 51 0.29 -15.73 -13.53
C VAL D 51 1.45 -16.74 -13.59
N ASP D 52 1.47 -17.57 -14.64
CA ASP D 52 2.57 -18.50 -15.01
C ASP D 52 3.88 -17.92 -14.46
N PRO D 53 4.49 -18.51 -13.42
CA PRO D 53 5.73 -17.97 -12.86
C PRO D 53 6.92 -18.04 -13.82
N GLU D 54 6.80 -18.84 -14.88
CA GLU D 54 7.92 -19.08 -15.83
C GLU D 54 7.98 -17.90 -16.80
N LEU D 55 6.95 -17.04 -16.83
CA LEU D 55 6.97 -15.84 -17.71
C LEU D 55 7.97 -14.84 -17.11
N ASP D 56 9.15 -14.76 -17.72
CA ASP D 56 10.15 -13.68 -17.52
C ASP D 56 9.73 -12.50 -18.41
N GLY D 57 9.92 -11.29 -17.91
CA GLY D 57 9.65 -10.05 -18.66
C GLY D 57 8.23 -9.56 -18.41
N PRO D 58 7.94 -8.31 -18.83
CA PRO D 58 6.64 -7.70 -18.55
C PRO D 58 5.53 -8.54 -19.18
N VAL D 59 4.48 -8.81 -18.41
CA VAL D 59 3.22 -9.44 -18.88
C VAL D 59 2.22 -8.29 -19.00
N ASP D 60 1.87 -7.90 -20.23
CA ASP D 60 1.00 -6.74 -20.51
C ASP D 60 -0.44 -7.19 -20.81
N ARG D 61 -0.64 -8.46 -21.18
CA ARG D 61 -1.96 -9.01 -21.62
C ARG D 61 -2.21 -10.36 -20.95
N LEU D 62 -3.44 -10.60 -20.53
CA LEU D 62 -3.85 -11.91 -19.96
C LEU D 62 -4.20 -12.92 -21.07
N VAL D 63 -4.84 -12.51 -22.17
CA VAL D 63 -5.22 -13.47 -23.26
C VAL D 63 -3.94 -14.12 -23.81
N GLY D 64 -3.89 -15.45 -23.86
CA GLY D 64 -2.77 -16.21 -24.41
C GLY D 64 -1.88 -16.79 -23.32
N ILE D 65 -1.95 -16.29 -22.08
CA ILE D 65 -1.07 -16.79 -20.99
C ILE D 65 -1.82 -17.87 -20.20
N THR D 66 -1.09 -18.63 -19.38
CA THR D 66 -1.67 -19.70 -18.54
C THR D 66 -1.65 -19.21 -17.10
N LEU D 67 -2.77 -19.38 -16.41
CA LEU D 67 -2.80 -19.09 -14.96
C LEU D 67 -2.63 -20.42 -14.22
N TRP D 68 -2.05 -20.36 -13.04
CA TRP D 68 -1.83 -21.51 -12.14
C TRP D 68 -2.68 -21.29 -10.91
N GLY D 69 -3.30 -22.36 -10.43
CA GLY D 69 -4.17 -22.32 -9.24
C GLY D 69 -4.18 -23.64 -8.53
N HIS D 70 -4.80 -23.69 -7.36
CA HIS D 70 -5.15 -24.99 -6.72
C HIS D 70 -6.37 -24.85 -5.87
N MET D 71 -6.93 -25.99 -5.56
CA MET D 71 -8.10 -26.07 -4.68
C MET D 71 -7.93 -27.38 -3.93
N ASN D 72 -8.89 -27.67 -3.10
CA ASN D 72 -8.93 -28.89 -2.26
C ASN D 72 -9.51 -30.02 -3.14
N ARG D 73 -8.76 -31.09 -3.32
CA ARG D 73 -9.20 -32.28 -4.12
C ARG D 73 -10.48 -32.85 -3.56
N ALA D 74 -10.76 -32.63 -2.26
CA ALA D 74 -11.94 -33.13 -1.53
C ALA D 74 -13.12 -32.21 -1.78
N ASN D 75 -12.87 -31.01 -2.28
CA ASN D 75 -13.99 -30.10 -2.61
C ASN D 75 -14.75 -30.76 -3.75
N PRO D 76 -16.08 -30.96 -3.62
CA PRO D 76 -16.84 -31.53 -4.74
C PRO D 76 -16.75 -30.80 -6.08
N HIS D 77 -16.38 -29.51 -6.05
CA HIS D 77 -16.13 -28.70 -7.26
C HIS D 77 -15.02 -29.35 -8.11
N TRP D 78 -14.00 -29.88 -7.47
CA TRP D 78 -12.91 -30.59 -8.16
C TRP D 78 -13.47 -31.73 -9.03
N ALA D 79 -14.40 -32.54 -8.51
CA ALA D 79 -14.94 -33.73 -9.21
C ALA D 79 -15.84 -33.29 -10.37
N ALA D 80 -16.51 -32.15 -10.17
CA ALA D 80 -17.55 -31.60 -11.05
C ALA D 80 -16.90 -30.96 -12.26
N LEU D 81 -15.63 -30.56 -12.17
CA LEU D 81 -14.93 -29.95 -13.33
C LEU D 81 -14.80 -30.98 -14.45
N GLY D 82 -14.31 -32.18 -14.15
CA GLY D 82 -14.08 -33.19 -15.21
C GLY D 82 -12.94 -32.73 -16.09
N GLY D 83 -12.99 -33.09 -17.38
CA GLY D 83 -11.79 -33.11 -18.22
C GLY D 83 -11.42 -31.73 -18.72
N ALA D 84 -12.30 -31.13 -19.52
CA ALA D 84 -12.05 -29.86 -20.23
C ALA D 84 -13.15 -28.85 -19.89
N ALA D 85 -13.36 -28.57 -18.59
CA ALA D 85 -14.41 -27.62 -18.13
C ALA D 85 -14.11 -26.21 -18.64
N ASN D 86 -15.12 -25.55 -19.21
CA ASN D 86 -15.07 -24.11 -19.56
C ASN D 86 -15.38 -23.29 -18.30
N VAL D 87 -14.42 -22.52 -17.82
CA VAL D 87 -14.53 -21.87 -16.48
C VAL D 87 -14.38 -20.36 -16.63
N VAL D 88 -14.79 -19.66 -15.59
CA VAL D 88 -14.49 -18.22 -15.40
C VAL D 88 -13.86 -18.11 -14.02
N ALA D 89 -12.78 -17.37 -13.95
CA ALA D 89 -12.12 -16.95 -12.69
C ALA D 89 -12.28 -15.42 -12.59
N THR D 90 -12.91 -14.95 -11.52
CA THR D 90 -13.20 -13.50 -11.32
C THR D 90 -12.32 -12.96 -10.18
N PHE D 91 -11.64 -11.90 -10.45
CA PHE D 91 -10.72 -11.23 -9.50
C PHE D 91 -11.37 -9.90 -9.15
N ALA D 92 -11.51 -9.64 -7.85
CA ALA D 92 -12.20 -8.42 -7.34
C ALA D 92 -11.20 -7.52 -6.63
N GLY D 93 -11.06 -6.31 -7.13
CA GLY D 93 -10.12 -5.31 -6.61
C GLY D 93 -10.79 -4.25 -5.77
N PRO D 94 -10.12 -3.08 -5.64
CA PRO D 94 -10.63 -2.00 -4.81
C PRO D 94 -12.07 -1.65 -5.22
N ASN D 95 -12.86 -1.25 -4.23
CA ASN D 95 -14.29 -0.88 -4.46
C ASN D 95 -14.76 0.05 -3.34
N ALA D 96 -15.76 0.89 -3.60
CA ALA D 96 -16.41 1.71 -2.55
C ALA D 96 -17.78 2.17 -2.99
N TYR D 97 -18.68 2.25 -2.04
CA TYR D 97 -20.00 2.91 -2.23
C TYR D 97 -19.81 4.39 -2.55
N VAL D 98 -20.54 4.89 -3.57
CA VAL D 98 -20.54 6.32 -3.96
C VAL D 98 -21.88 6.92 -3.51
N SER D 99 -21.80 7.84 -2.57
CA SER D 99 -22.94 8.67 -2.12
C SER D 99 -23.09 9.87 -3.03
N PRO D 100 -24.28 10.17 -3.61
CA PRO D 100 -24.43 11.39 -4.40
C PRO D 100 -24.23 12.65 -3.52
N ALA D 101 -24.20 12.53 -2.18
CA ALA D 101 -23.87 13.72 -1.36
C ALA D 101 -22.55 14.30 -1.88
N VAL D 102 -21.65 13.44 -2.38
CA VAL D 102 -20.24 13.80 -2.70
C VAL D 102 -20.26 14.60 -4.00
N TYR D 103 -21.21 14.29 -4.88
CA TYR D 103 -21.36 14.98 -6.19
C TYR D 103 -21.73 16.45 -5.99
N ARG D 104 -22.50 16.78 -4.96
CA ARG D 104 -23.05 18.15 -4.75
C ARG D 104 -23.83 18.56 -6.01
N THR D 105 -24.59 17.63 -6.58
CA THR D 105 -25.31 17.77 -7.87
C THR D 105 -26.70 17.20 -7.64
N ALA D 106 -27.71 17.64 -8.41
CA ALA D 106 -29.07 17.09 -8.35
C ALA D 106 -29.71 17.21 -9.72
N PRO D 107 -30.51 16.21 -10.12
CA PRO D 107 -30.71 14.97 -9.38
C PRO D 107 -29.59 13.96 -9.67
N ALA D 108 -29.59 12.85 -8.96
CA ALA D 108 -28.49 11.86 -9.04
C ALA D 108 -28.98 10.51 -8.49
N ALA D 109 -28.18 9.46 -8.65
CA ALA D 109 -28.43 8.17 -8.01
C ALA D 109 -27.09 7.66 -7.49
N PRO D 110 -27.09 6.92 -6.35
CA PRO D 110 -25.87 6.34 -5.84
C PRO D 110 -25.37 5.24 -6.79
N THR D 111 -24.12 4.86 -6.59
CA THR D 111 -23.54 3.72 -7.33
C THR D 111 -22.48 3.04 -6.47
N TRP D 112 -21.85 1.99 -7.03
CA TRP D 112 -20.72 1.35 -6.34
C TRP D 112 -19.58 1.34 -7.32
N ASN D 113 -18.49 2.02 -6.95
CA ASN D 113 -17.28 2.00 -7.76
C ASN D 113 -16.60 0.66 -7.48
N PHE D 114 -16.17 -0.03 -8.51
CA PHE D 114 -15.53 -1.34 -8.26
C PHE D 114 -14.69 -1.74 -9.43
N THR D 115 -13.81 -2.69 -9.16
CA THR D 115 -12.85 -3.24 -10.13
C THR D 115 -13.02 -4.75 -10.17
N SER D 116 -13.10 -5.30 -11.37
CA SER D 116 -13.10 -6.77 -11.53
C SER D 116 -12.46 -7.20 -12.84
N VAL D 117 -11.85 -8.36 -12.78
CA VAL D 117 -11.28 -9.05 -13.96
C VAL D 117 -11.96 -10.41 -14.02
N GLN D 118 -12.48 -10.72 -15.20
CA GLN D 118 -13.05 -12.00 -15.53
C GLN D 118 -12.22 -12.67 -16.64
N VAL D 119 -11.61 -13.79 -16.29
CA VAL D 119 -10.81 -14.59 -17.28
C VAL D 119 -11.59 -15.87 -17.60
N ARG D 120 -11.69 -16.22 -18.86
CA ARG D 120 -12.36 -17.47 -19.26
C ARG D 120 -11.40 -18.34 -20.05
N GLY D 121 -11.55 -19.64 -19.88
CA GLY D 121 -10.85 -20.66 -20.68
C GLY D 121 -11.09 -22.05 -20.15
N GLU D 122 -10.33 -23.00 -20.71
CA GLU D 122 -10.39 -24.43 -20.36
C GLU D 122 -9.54 -24.68 -19.11
N LEU D 123 -10.11 -25.30 -18.09
CA LEU D 123 -9.32 -25.69 -16.89
C LEU D 123 -8.82 -27.12 -17.12
N ARG D 124 -7.51 -27.33 -16.99
CA ARG D 124 -6.87 -28.67 -17.07
C ARG D 124 -6.39 -29.04 -15.68
N LYS D 125 -6.78 -30.21 -15.20
CA LYS D 125 -6.27 -30.67 -13.89
C LYS D 125 -4.83 -31.10 -14.06
N VAL D 126 -4.01 -30.71 -13.09
CA VAL D 126 -2.64 -31.18 -12.87
C VAL D 126 -2.75 -32.49 -12.10
N GLU D 127 -2.07 -33.54 -12.59
CA GLU D 127 -1.99 -34.83 -11.85
C GLU D 127 -0.57 -35.11 -11.34
N SER D 128 0.45 -34.64 -12.06
CA SER D 128 1.87 -34.85 -11.73
C SER D 128 2.19 -34.25 -10.36
N ALA D 129 3.02 -34.96 -9.56
CA ALA D 129 3.44 -34.53 -8.21
C ALA D 129 4.40 -33.36 -8.35
N ASP D 130 5.27 -33.43 -9.34
CA ASP D 130 6.28 -32.38 -9.60
C ASP D 130 5.53 -31.08 -9.90
N ASP D 131 4.53 -31.14 -10.79
CA ASP D 131 3.81 -29.94 -11.26
C ASP D 131 2.89 -29.40 -10.14
N THR D 132 2.39 -30.29 -9.29
CA THR D 132 1.54 -29.91 -8.14
C THR D 132 2.42 -29.14 -7.15
N LEU D 133 3.59 -29.67 -6.79
CA LEU D 133 4.50 -29.02 -5.82
C LEU D 133 4.94 -27.68 -6.42
N ALA D 134 5.30 -27.64 -7.70
CA ALA D 134 5.70 -26.39 -8.40
C ALA D 134 4.57 -25.36 -8.23
N THR D 135 3.31 -25.78 -8.29
CA THR D 135 2.16 -24.84 -8.25
C THR D 135 2.17 -24.14 -6.88
N VAL D 136 2.18 -24.93 -5.82
CA VAL D 136 2.05 -24.35 -4.47
C VAL D 136 3.32 -23.55 -4.13
N ARG D 137 4.50 -24.02 -4.53
CA ARG D 137 5.76 -23.28 -4.27
C ARG D 137 5.71 -21.94 -5.01
N ALA D 138 5.24 -21.91 -6.25
CA ALA D 138 5.17 -20.65 -7.01
C ALA D 138 4.16 -19.71 -6.34
N THR D 139 3.08 -20.26 -5.81
CA THR D 139 2.02 -19.46 -5.13
C THR D 139 2.60 -18.84 -3.84
N VAL D 140 3.32 -19.62 -3.04
CA VAL D 140 4.02 -19.04 -1.87
C VAL D 140 4.95 -17.91 -2.37
N ALA D 141 5.78 -18.15 -3.38
CA ALA D 141 6.79 -17.17 -3.81
C ALA D 141 6.10 -15.86 -4.21
N ALA D 142 5.00 -15.95 -4.97
CA ALA D 142 4.28 -14.77 -5.51
C ALA D 142 3.55 -14.05 -4.37
N LEU D 143 2.79 -14.77 -3.55
CA LEU D 143 1.93 -14.12 -2.54
C LEU D 143 2.77 -13.63 -1.34
N GLU D 144 3.75 -14.40 -0.87
CA GLU D 144 4.60 -13.96 0.28
C GLU D 144 5.36 -12.69 -0.11
N SER D 145 5.84 -12.61 -1.36
CA SER D 145 6.52 -11.39 -1.87
C SER D 145 5.58 -10.18 -1.79
N ARG D 146 4.35 -10.35 -2.23
CA ARG D 146 3.44 -9.21 -2.39
C ARG D 146 2.69 -8.89 -1.09
N PHE D 147 2.34 -9.87 -0.25
CA PHE D 147 1.40 -9.66 0.88
C PHE D 147 2.04 -10.04 2.24
N GLY D 148 3.26 -10.59 2.19
CA GLY D 148 3.81 -11.34 3.33
C GLY D 148 4.89 -10.55 4.09
N ALA D 149 5.82 -11.29 4.68
CA ALA D 149 6.80 -10.74 5.63
C ALA D 149 8.10 -11.54 5.54
N GLY D 150 8.51 -11.86 4.31
CA GLY D 150 9.80 -12.49 4.01
C GLY D 150 9.91 -13.87 4.61
N TRP D 151 8.81 -14.59 4.77
CA TRP D 151 8.87 -16.00 5.20
C TRP D 151 9.60 -16.85 4.15
N ASP D 152 10.52 -17.68 4.61
CA ASP D 152 11.34 -18.58 3.76
C ASP D 152 10.72 -19.97 3.82
N MET D 153 10.25 -20.48 2.69
CA MET D 153 9.53 -21.78 2.69
C MET D 153 10.50 -22.98 2.84
N THR D 154 11.82 -22.78 2.73
CA THR D 154 12.82 -23.89 2.55
C THR D 154 12.59 -24.97 3.60
N GLY D 155 12.50 -24.58 4.88
CA GLY D 155 12.33 -25.46 6.06
C GLY D 155 10.96 -26.14 6.14
N SER D 156 10.03 -25.81 5.24
CA SER D 156 8.68 -26.43 5.23
C SER D 156 8.47 -27.29 3.96
N LEU D 157 9.48 -27.52 3.14
CA LEU D 157 9.26 -28.22 1.84
C LEU D 157 8.85 -29.69 2.08
N ASP D 158 9.39 -30.37 3.11
CA ASP D 158 8.97 -31.73 3.49
C ASP D 158 7.51 -31.73 3.95
N TYR D 159 7.09 -30.70 4.70
CA TYR D 159 5.69 -30.53 5.11
C TYR D 159 4.84 -30.40 3.85
N PHE D 160 5.22 -29.54 2.90
CA PHE D 160 4.46 -29.38 1.64
C PHE D 160 4.24 -30.77 1.00
N ARG D 161 5.31 -31.57 0.92
CA ARG D 161 5.26 -32.91 0.25
C ARG D 161 4.30 -33.81 1.01
N ARG D 162 4.35 -33.76 2.34
CA ARG D 162 3.51 -34.61 3.21
C ARG D 162 2.03 -34.31 2.98
N ILE D 163 1.65 -33.05 2.72
CA ILE D 163 0.19 -32.70 2.59
C ILE D 163 -0.20 -32.56 1.12
N LEU D 164 0.76 -32.69 0.20
CA LEU D 164 0.60 -32.47 -1.26
C LEU D 164 -0.52 -33.34 -1.85
N PRO D 165 -0.80 -34.56 -1.35
CA PRO D 165 -1.88 -35.36 -1.97
C PRO D 165 -3.28 -34.73 -2.01
N GLY D 166 -3.57 -33.79 -1.11
CA GLY D 166 -4.90 -33.15 -1.04
C GLY D 166 -5.03 -32.02 -2.05
N VAL D 167 -3.92 -31.59 -2.63
CA VAL D 167 -3.90 -30.41 -3.54
C VAL D 167 -4.46 -30.81 -4.91
N GLY D 168 -5.44 -30.07 -5.39
CA GLY D 168 -5.92 -30.17 -6.77
C GLY D 168 -5.41 -28.98 -7.56
N ALA D 169 -4.23 -29.09 -8.15
CA ALA D 169 -3.57 -27.99 -8.86
C ALA D 169 -4.17 -27.97 -10.26
N PHE D 170 -4.25 -26.79 -10.87
CA PHE D 170 -4.82 -26.69 -12.23
C PHE D 170 -4.07 -25.62 -13.01
N ARG D 171 -4.42 -25.58 -14.29
CA ARG D 171 -3.90 -24.61 -15.28
C ARG D 171 -5.10 -24.11 -16.08
N LEU D 172 -5.13 -22.82 -16.35
CA LEU D 172 -6.25 -22.14 -17.04
C LEU D 172 -5.58 -21.30 -18.13
N ARG D 173 -5.60 -21.80 -19.36
CA ARG D 173 -5.14 -21.02 -20.52
C ARG D 173 -6.24 -19.98 -20.75
N VAL D 174 -5.89 -18.71 -20.68
CA VAL D 174 -6.86 -17.59 -20.83
C VAL D 174 -7.19 -17.42 -22.31
N ALA D 175 -8.44 -17.71 -22.66
CA ALA D 175 -9.00 -17.54 -24.02
C ALA D 175 -9.63 -16.15 -24.13
N GLU D 176 -10.25 -15.64 -23.05
CA GLU D 176 -10.93 -14.32 -23.03
C GLU D 176 -10.60 -13.65 -21.71
N ALA D 177 -10.33 -12.34 -21.74
CA ALA D 177 -10.07 -11.53 -20.52
C ALA D 177 -10.86 -10.25 -20.62
N ASP D 178 -11.70 -9.96 -19.63
CA ASP D 178 -12.48 -8.70 -19.59
C ASP D 178 -12.25 -8.03 -18.22
N GLY D 179 -12.26 -6.71 -18.17
CA GLY D 179 -11.98 -5.88 -16.99
C GLY D 179 -13.03 -4.79 -16.84
N MET D 180 -13.72 -4.78 -15.70
CA MET D 180 -14.62 -3.69 -15.25
C MET D 180 -13.83 -2.73 -14.37
N PHE D 181 -13.60 -1.51 -14.84
CA PHE D 181 -12.99 -0.45 -14.01
C PHE D 181 -14.04 0.64 -13.82
N LYS D 182 -15.00 0.38 -12.94
CA LYS D 182 -16.17 1.26 -12.69
C LYS D 182 -15.73 2.33 -11.70
N LEU D 183 -15.28 3.48 -12.21
CA LEU D 183 -14.53 4.48 -11.40
C LEU D 183 -14.98 5.90 -11.78
N SER D 184 -16.28 6.11 -11.95
CA SER D 184 -16.96 7.44 -12.11
C SER D 184 -16.57 8.11 -13.47
N GLN D 185 -16.11 7.33 -14.43
CA GLN D 185 -15.74 7.86 -15.79
C GLN D 185 -16.96 8.47 -16.51
N GLU D 186 -18.19 8.07 -16.13
CA GLU D 186 -19.51 8.53 -16.67
C GLU D 186 -19.82 9.95 -16.14
N GLN D 187 -19.22 10.35 -15.02
CA GLN D 187 -19.50 11.70 -14.45
C GLN D 187 -18.66 12.77 -15.19
N GLN D 188 -19.11 14.01 -15.08
CA GLN D 188 -18.36 15.21 -15.55
C GLN D 188 -17.05 15.29 -14.74
N PRO D 189 -15.98 15.85 -15.33
CA PRO D 189 -14.69 16.03 -14.64
C PRO D 189 -14.73 16.57 -13.21
N ALA D 190 -15.58 17.57 -12.94
CA ALA D 190 -15.72 18.25 -11.63
C ALA D 190 -16.23 17.24 -10.60
N ILE D 191 -17.17 16.39 -11.03
CA ILE D 191 -17.80 15.39 -10.13
C ILE D 191 -16.77 14.30 -9.87
N ARG D 192 -16.08 13.81 -10.90
CA ARG D 192 -15.00 12.79 -10.75
C ARG D 192 -13.97 13.30 -9.72
N ARG D 193 -13.63 14.59 -9.77
CA ARG D 193 -12.61 15.12 -8.82
C ARG D 193 -13.19 15.16 -7.42
N ARG D 194 -14.48 15.52 -7.26
CA ARG D 194 -15.16 15.52 -5.94
C ARG D 194 -15.12 14.11 -5.34
N VAL D 195 -15.49 13.09 -6.12
CA VAL D 195 -15.44 11.67 -5.69
C VAL D 195 -13.99 11.29 -5.32
N ARG D 196 -13.04 11.48 -6.22
CA ARG D 196 -11.63 11.12 -5.96
C ARG D 196 -11.21 11.76 -4.63
N HIS D 197 -11.62 13.01 -4.39
CA HIS D 197 -11.17 13.80 -3.21
C HIS D 197 -11.83 13.21 -1.96
N SER D 198 -13.09 12.82 -2.05
CA SER D 198 -13.80 12.20 -0.90
C SER D 198 -13.17 10.86 -0.52
N PHE D 199 -12.71 10.06 -1.48
CA PHE D 199 -12.18 8.68 -1.25
C PHE D 199 -10.73 8.76 -0.73
N GLY D 200 -10.07 9.90 -0.96
CA GLY D 200 -8.67 10.14 -0.53
C GLY D 200 -8.49 10.27 0.97
N GLY D 201 -9.54 10.48 1.74
CA GLY D 201 -9.46 10.77 3.19
C GLY D 201 -9.87 9.62 4.10
N ALA D 202 -9.74 8.36 3.67
CA ALA D 202 -9.96 7.17 4.55
C ALA D 202 -9.30 5.91 3.97
N GLU D 203 -8.73 5.08 4.85
CA GLU D 203 -8.01 3.85 4.47
C GLU D 203 -8.90 2.99 3.57
N ALA D 204 -10.18 2.81 3.93
CA ALA D 204 -11.16 1.93 3.23
C ALA D 204 -11.26 2.30 1.75
N THR D 205 -11.03 3.56 1.37
CA THR D 205 -11.34 4.08 0.00
C THR D 205 -10.11 4.61 -0.75
N ARG D 206 -8.93 4.71 -0.14
CA ARG D 206 -7.72 5.29 -0.79
C ARG D 206 -7.29 4.48 -2.01
N ALA D 207 -7.44 3.16 -2.01
CA ALA D 207 -7.09 2.28 -3.15
C ALA D 207 -7.96 2.61 -4.38
N VAL D 208 -9.24 2.86 -4.18
CA VAL D 208 -10.11 3.36 -5.29
C VAL D 208 -9.63 4.76 -5.71
N ALA D 209 -9.39 5.67 -4.78
CA ALA D 209 -8.84 7.01 -5.10
C ALA D 209 -7.56 6.86 -5.93
N GLY D 210 -6.66 5.94 -5.55
CA GLY D 210 -5.39 5.68 -6.26
C GLY D 210 -5.60 5.31 -7.73
N LEU D 211 -6.54 4.41 -8.02
CA LEU D 211 -6.91 4.03 -9.41
C LEU D 211 -7.56 5.19 -10.18
N MET D 212 -8.48 5.93 -9.54
CA MET D 212 -9.12 7.11 -10.16
C MET D 212 -8.07 8.18 -10.49
N ASP D 213 -7.02 8.36 -9.66
CA ASP D 213 -5.88 9.29 -9.91
C ASP D 213 -5.11 8.90 -11.18
N ARG D 214 -5.20 7.66 -11.66
CA ARG D 214 -4.36 7.15 -12.78
C ARG D 214 -5.12 7.09 -14.09
N LEU D 215 -6.41 7.44 -14.11
CA LEU D 215 -7.18 7.48 -15.38
C LEU D 215 -6.64 8.65 -16.18
N PRO D 216 -6.44 8.51 -17.51
CA PRO D 216 -6.08 9.64 -18.37
C PRO D 216 -6.98 10.88 -18.16
CHA HEM E . 25.29 13.13 -9.79
CHB HEM E . 24.07 9.12 -7.34
CHC HEM E . 27.51 6.52 -9.65
CHD HEM E . 28.32 10.38 -12.50
C1A HEM E . 24.74 12.26 -8.87
C2A HEM E . 23.61 12.60 -8.05
C3A HEM E . 23.23 11.49 -7.37
C4A HEM E . 24.11 10.42 -7.79
CMA HEM E . 22.06 11.47 -6.40
CAA HEM E . 22.91 13.96 -7.91
CBA HEM E . 23.55 14.79 -6.80
CGA HEM E . 23.02 16.22 -6.85
O1A HEM E . 21.75 16.43 -6.90
O2A HEM E . 23.82 17.20 -6.80
C1B HEM E . 24.92 8.08 -7.74
C2B HEM E . 24.80 6.76 -7.25
C3B HEM E . 25.77 6.00 -7.88
C4B HEM E . 26.44 6.90 -8.82
CMB HEM E . 23.83 6.23 -6.20
CAB HEM E . 25.99 4.59 -7.53
CBB HEM E . 27.05 3.87 -7.80
C1C HEM E . 28.03 7.32 -10.60
C2C HEM E . 29.07 6.95 -11.45
C3C HEM E . 29.27 8.05 -12.33
C4C HEM E . 28.41 9.13 -11.89
CMC HEM E . 29.73 5.61 -11.48
CAC HEM E . 30.34 8.07 -13.31
CBC HEM E . 30.95 9.15 -13.77
C1D HEM E . 27.53 11.41 -12.00
C2D HEM E . 27.43 12.70 -12.67
C3D HEM E . 26.63 13.45 -11.93
C4D HEM E . 26.20 12.63 -10.76
CMD HEM E . 28.17 13.19 -13.92
CAD HEM E . 26.26 14.90 -12.21
CBD HEM E . 24.77 15.02 -12.68
CGD HEM E . 24.35 13.99 -13.71
O1D HEM E . 24.95 14.00 -14.82
O2D HEM E . 23.48 13.09 -13.46
NA HEM E . 25.01 10.91 -8.72
NB HEM E . 25.96 8.12 -8.62
NC HEM E . 27.66 8.64 -10.83
ND HEM E . 26.75 11.38 -10.84
FE HEM E . 26.45 9.85 -9.66
CHA HEM F . 8.31 14.78 20.70
CHB HEM F . 6.66 12.33 17.04
CHC HEM F . 2.01 12.63 18.70
CHD HEM F . 3.91 14.67 22.74
C1A HEM F . 8.23 14.13 19.50
C2A HEM F . 9.34 13.87 18.65
C3A HEM F . 8.89 13.14 17.65
C4A HEM F . 7.48 13.00 17.87
CMA HEM F . 9.75 12.58 16.50
CAA HEM F . 10.80 14.23 18.84
CBA HEM F . 11.27 15.51 18.12
CGA HEM F . 12.59 15.97 18.59
O1A HEM F . 12.77 17.12 19.11
O2A HEM F . 13.52 15.16 18.51
C1B HEM F . 5.25 12.17 17.19
C2B HEM F . 4.45 11.48 16.25
C3B HEM F . 3.14 11.58 16.65
C4B HEM F . 3.16 12.35 17.92
CMB HEM F . 4.96 10.79 14.98
CAB HEM F . 2.02 10.92 15.98
CBB HEM F . 0.78 11.15 16.13
C1C HEM F . 2.20 13.23 19.99
C2C HEM F . 1.18 13.41 20.88
C3C HEM F . 1.60 14.02 22.02
C4C HEM F . 3.03 14.18 21.80
CMC HEM F . -0.27 13.09 20.58
CAC HEM F . 0.68 14.45 23.09
CBC HEM F . 0.97 15.46 23.92
C1D HEM F . 5.25 14.83 22.48
C2D HEM F . 6.16 15.29 23.55
C3D HEM F . 7.38 15.32 23.00
C4D HEM F . 7.21 14.91 21.57
CMD HEM F . 5.88 15.62 24.94
CAD HEM F . 8.63 15.72 23.71
CBD HEM F . 9.41 14.41 23.88
CGD HEM F . 8.81 13.47 24.90
O1D HEM F . 8.41 12.32 24.53
O2D HEM F . 8.68 13.83 26.10
NA HEM F . 7.04 13.63 19.00
NB HEM F . 4.45 12.70 18.13
NC HEM F . 3.33 13.68 20.54
ND HEM F . 5.90 14.63 21.31
FE HEM F . 5.19 13.88 19.67
CHA HEM G . -27.12 -0.73 -13.14
CHB HEM G . -25.40 -0.54 -8.61
CHC HEM G . -29.07 2.37 -7.33
CHD HEM G . -30.52 2.54 -11.90
C1A HEM G . -26.42 -0.97 -11.98
C2A HEM G . -25.21 -1.74 -11.96
C3A HEM G . -24.67 -1.69 -10.71
C4A HEM G . -25.57 -0.85 -9.95
CMA HEM G . -23.38 -2.46 -10.27
CAA HEM G . -24.61 -2.51 -13.13
CBA HEM G . -25.18 -3.90 -13.18
CGA HEM G . -24.79 -4.66 -14.45
O1A HEM G . -25.64 -5.36 -15.09
O2A HEM G . -23.57 -4.71 -14.80
C1B HEM G . -26.25 0.31 -7.87
C2B HEM G . -26.04 0.57 -6.49
C3B HEM G . -27.06 1.36 -6.07
C4B HEM G . -27.92 1.62 -7.27
CMB HEM G . -24.86 0.15 -5.62
CAB HEM G . -27.14 1.85 -4.68
CBB HEM G . -28.22 2.40 -4.22
C1C HEM G . -29.81 2.71 -8.43
C2C HEM G . -30.92 3.61 -8.52
C3C HEM G . -31.35 3.65 -9.83
C4C HEM G . -30.48 2.78 -10.56
CMC HEM G . -31.55 4.36 -7.41
CAC HEM G . -32.57 4.38 -10.21
CBC HEM G . -33.32 4.04 -11.25
C1D HEM G . -29.68 1.68 -12.56
C2D HEM G . -29.75 1.58 -14.04
C3D HEM G . -28.82 0.68 -14.37
C4D HEM G . -28.17 0.22 -13.12
CMD HEM G . -30.66 2.30 -15.05
CAD HEM G . -28.53 0.25 -15.81
CBD HEM G . -27.15 0.79 -16.25
CGD HEM G . -26.95 2.27 -16.03
O1D HEM G . -27.72 3.07 -16.65
O2D HEM G . -26.02 2.65 -15.25
NA HEM G . -26.61 -0.38 -10.76
NB HEM G . -27.41 0.89 -8.26
NC HEM G . -29.56 2.25 -9.69
ND HEM G . -28.73 0.87 -12.05
FE HEM G . -28.23 0.72 -10.19
CHA HEM H . -6.49 -25.84 -0.11
CHB HEM H . -5.16 -21.25 -0.35
CHC HEM H . -0.44 -22.43 -0.22
CHD HEM H . -1.85 -27.06 0.34
C1A HEM H . -6.53 -24.47 -0.21
C2A HEM H . -7.73 -23.67 -0.27
C3A HEM H . -7.33 -22.38 -0.38
C4A HEM H . -5.93 -22.38 -0.31
CMA HEM H . -8.22 -21.13 -0.47
CAA HEM H . -9.19 -24.10 -0.30
CBA HEM H . -9.75 -24.37 -1.72
CGA HEM H . -11.08 -25.10 -1.73
O1A HEM H . -11.31 -26.06 -2.46
O2A HEM H . -11.98 -24.70 -0.98
C1B HEM H . -3.76 -21.20 -0.33
C2B HEM H . -3.06 -19.97 -0.37
C3B HEM H . -1.73 -20.21 -0.31
C4B HEM H . -1.60 -21.69 -0.29
CMB HEM H . -3.69 -18.58 -0.40
CAB HEM H . -0.76 -19.08 -0.33
CBB HEM H . 0.54 -19.25 -0.48
C1C HEM H . -0.41 -23.83 -0.02
C2C HEM H . 0.70 -24.64 0.09
C3C HEM H . 0.36 -25.97 0.25
C4C HEM H . -1.06 -25.96 0.20
CMC HEM H . 2.12 -24.13 0.03
CAC HEM H . 1.36 -27.06 0.32
CBC HEM H . 1.15 -28.33 -0.04
C1D HEM H . -3.22 -27.05 0.28
C2D HEM H . -3.95 -28.29 0.55
C3D HEM H . -5.24 -27.96 0.39
C4D HEM H . -5.29 -26.52 0.06
CMD HEM H . -3.40 -29.68 0.93
CAD HEM H . -6.37 -28.88 0.60
CBD HEM H . -7.08 -28.62 1.94
CGD HEM H . -6.25 -28.50 3.21
O1D HEM H . -5.56 -29.47 3.60
O2D HEM H . -6.29 -27.47 3.95
NA HEM H . -5.41 -23.66 -0.23
NB HEM H . -2.87 -22.18 -0.33
NC HEM H . -1.49 -24.65 0.03
ND HEM H . -4.03 -26.01 -0.05
FE HEM H . -3.47 -24.20 -0.37
#